data_8HLQ
#
_entry.id   8HLQ
#
_cell.length_a   41.431
_cell.length_b   88.089
_cell.length_c   95.731
_cell.angle_alpha   90.000
_cell.angle_beta   90.490
_cell.angle_gamma   90.000
#
_symmetry.space_group_name_H-M   'P 1 21 1'
#
loop_
_entity.id
_entity.type
_entity.pdbx_description
1 polymer 'Poly [ADP-ribose] polymerase 2'
2 non-polymer GLYCEROL
3 non-polymer 2-{4-[(3S)-piperidin-3-yl]phenyl}-2H-indazole-7-carboxamide
4 water water
#
_entity_poly.entity_id   1
_entity_poly.type   'polypeptide(L)'
_entity_poly.pdbx_seq_one_letter_code
;GPESQLDLRVQELIKLICNVQAMEEMMMEMKYNTKKAPLGKLTVAQIKAGYQSLKKIEDCIRAGQHGRALMEACNEFYTR
IPHDFGLRTPPLIRTQKELSEKIQLLEALGDIEIAIKLVKSERQGLEHPLDQHYRNLHCALRPLDHESYEFKVISQYLQS
THAPTHSDYTMTLLDLFEVEKDGEKEAFREDLHNRMLLWHGSRMSNWVGILSHGLRIAPPEAPITGYMFGKGIYFADMSS
KSANYCFASRLKNTGLLLLSEVALGQCNELLEANPKAEGLLQGKHSTKGLGKMAPSSAHFVTLNGSTVPLGPASDTGILN
PDGYTLNYNEYIVYNPNQVRMRYLLKVQFNFLQ
;
_entity_poly.pdbx_strand_id   A,B
#
# COMPACT_ATOMS: atom_id res chain seq x y z
N GLY A 1 -28.94 -17.47 -39.76
CA GLY A 1 -30.17 -16.70 -39.71
C GLY A 1 -30.16 -15.51 -40.65
N PRO A 2 -30.41 -14.32 -40.11
CA PRO A 2 -30.44 -13.10 -40.94
C PRO A 2 -29.02 -12.61 -41.19
N GLU A 3 -28.94 -11.48 -41.88
CA GLU A 3 -27.66 -10.91 -42.27
C GLU A 3 -26.98 -10.23 -41.09
N SER A 4 -25.65 -10.19 -41.16
CA SER A 4 -24.87 -9.47 -40.15
C SER A 4 -24.90 -7.98 -40.45
N GLN A 5 -25.31 -7.19 -39.47
CA GLN A 5 -25.46 -5.75 -39.63
C GLN A 5 -24.17 -4.98 -39.36
N LEU A 6 -23.04 -5.66 -39.29
CA LEU A 6 -21.76 -5.03 -39.02
C LEU A 6 -20.97 -4.83 -40.31
N ASP A 7 -19.99 -3.93 -40.26
CA ASP A 7 -19.08 -3.75 -41.37
C ASP A 7 -18.24 -5.01 -41.57
N LEU A 8 -17.88 -5.28 -42.82
CA LEU A 8 -17.12 -6.48 -43.13
C LEU A 8 -15.77 -6.47 -42.44
N ARG A 9 -15.15 -5.29 -42.27
CA ARG A 9 -13.88 -5.22 -41.56
C ARG A 9 -14.06 -5.55 -40.07
N VAL A 10 -15.20 -5.15 -39.50
CA VAL A 10 -15.49 -5.55 -38.13
C VAL A 10 -15.81 -7.04 -38.06
N GLN A 11 -16.44 -7.58 -39.10
CA GLN A 11 -16.71 -9.02 -39.15
C GLN A 11 -15.42 -9.82 -39.16
N GLU A 12 -14.40 -9.35 -39.89
CA GLU A 12 -13.12 -10.03 -39.88
C GLU A 12 -12.41 -9.89 -38.53
N LEU A 13 -12.60 -8.76 -37.85
CA LEU A 13 -12.00 -8.57 -36.54
C LEU A 13 -12.64 -9.49 -35.51
N ILE A 14 -13.98 -9.57 -35.50
CA ILE A 14 -14.65 -10.51 -34.61
C ILE A 14 -14.28 -11.94 -34.98
N LYS A 15 -14.12 -12.22 -36.27
CA LYS A 15 -13.68 -13.54 -36.70
C LYS A 15 -12.31 -13.89 -36.13
N LEU A 16 -11.42 -12.89 -36.05
CA LEU A 16 -10.03 -13.15 -35.72
C LEU A 16 -9.80 -13.27 -34.21
N ILE A 17 -10.49 -12.47 -33.41
CA ILE A 17 -10.26 -12.49 -31.98
C ILE A 17 -11.10 -13.56 -31.27
N CYS A 18 -12.24 -13.95 -31.85
CA CYS A 18 -13.11 -14.95 -31.24
C CYS A 18 -12.83 -16.36 -31.76
N ASN A 19 -11.65 -16.60 -32.30
CA ASN A 19 -11.29 -17.92 -32.82
C ASN A 19 -10.82 -18.79 -31.67
N VAL A 20 -11.73 -19.58 -31.10
CA VAL A 20 -11.37 -20.45 -29.98
C VAL A 20 -10.41 -21.54 -30.43
N GLN A 21 -10.53 -22.00 -31.69
CA GLN A 21 -9.60 -22.99 -32.20
C GLN A 21 -8.18 -22.45 -32.26
N ALA A 22 -8.03 -21.14 -32.49
CA ALA A 22 -6.70 -20.54 -32.49
C ALA A 22 -6.12 -20.46 -31.08
N MET A 23 -6.97 -20.24 -30.07
CA MET A 23 -6.48 -20.22 -28.70
C MET A 23 -6.04 -21.61 -28.25
N GLU A 24 -6.67 -22.66 -28.78
CA GLU A 24 -6.22 -24.02 -28.48
C GLU A 24 -4.83 -24.28 -29.05
N GLU A 25 -4.57 -23.78 -30.26
CA GLU A 25 -3.25 -23.95 -30.86
C GLU A 25 -2.18 -23.25 -30.04
N MET A 26 -2.45 -22.01 -29.63
CA MET A 26 -1.47 -21.28 -28.82
C MET A 26 -1.27 -21.93 -27.47
N MET A 27 -2.33 -22.51 -26.89
CA MET A 27 -2.19 -23.19 -25.61
C MET A 27 -1.44 -24.51 -25.75
N MET A 28 -1.67 -25.23 -26.85
CA MET A 28 -0.90 -26.44 -27.09
C MET A 28 0.56 -26.12 -27.35
N GLU A 29 0.85 -24.98 -27.98
CA GLU A 29 2.23 -24.56 -28.19
C GLU A 29 2.90 -24.15 -26.88
N MET A 30 2.13 -23.90 -25.83
CA MET A 30 2.67 -23.64 -24.51
C MET A 30 2.59 -24.86 -23.60
N LYS A 31 2.37 -26.05 -24.18
CA LYS A 31 2.33 -27.31 -23.45
C LYS A 31 1.22 -27.32 -22.40
N TYR A 32 0.02 -26.96 -22.82
CA TYR A 32 -1.16 -27.02 -21.97
C TYR A 32 -2.04 -28.17 -22.42
N ASN A 33 -2.44 -29.02 -21.46
CA ASN A 33 -3.25 -30.20 -21.75
C ASN A 33 -4.70 -29.74 -21.99
N THR A 34 -5.01 -29.43 -23.24
CA THR A 34 -6.37 -29.05 -23.61
C THR A 34 -7.33 -30.22 -23.60
N LYS A 35 -6.83 -31.45 -23.46
CA LYS A 35 -7.67 -32.64 -23.41
C LYS A 35 -8.13 -32.94 -21.98
N LYS A 36 -7.19 -33.03 -21.05
CA LYS A 36 -7.54 -33.29 -19.65
C LYS A 36 -8.31 -32.11 -19.06
N ALA A 37 -7.81 -30.90 -19.25
CA ALA A 37 -8.49 -29.68 -18.80
C ALA A 37 -8.94 -28.90 -20.02
N PRO A 38 -10.15 -29.12 -20.52
CA PRO A 38 -10.60 -28.42 -21.71
C PRO A 38 -10.81 -26.94 -21.42
N LEU A 39 -10.55 -26.12 -22.45
CA LEU A 39 -10.72 -24.68 -22.30
C LEU A 39 -12.18 -24.32 -22.03
N GLY A 40 -13.12 -25.08 -22.60
CA GLY A 40 -14.53 -24.84 -22.35
C GLY A 40 -14.97 -25.11 -20.93
N LYS A 41 -14.18 -25.87 -20.17
CA LYS A 41 -14.47 -26.15 -18.78
C LYS A 41 -13.61 -25.34 -17.82
N LEU A 42 -12.83 -24.40 -18.34
CA LEU A 42 -11.95 -23.59 -17.49
C LEU A 42 -12.78 -22.62 -16.66
N THR A 43 -12.47 -22.55 -15.36
CA THR A 43 -13.14 -21.65 -14.44
C THR A 43 -12.12 -20.73 -13.78
N VAL A 44 -12.63 -19.67 -13.15
CA VAL A 44 -11.77 -18.71 -12.48
C VAL A 44 -11.07 -19.36 -11.28
N ALA A 45 -11.77 -20.27 -10.58
CA ALA A 45 -11.18 -20.91 -9.42
C ALA A 45 -9.97 -21.76 -9.79
N GLN A 46 -9.99 -22.37 -10.99
CA GLN A 46 -8.85 -23.18 -11.41
C GLN A 46 -7.62 -22.31 -11.68
N ILE A 47 -7.82 -21.15 -12.31
CA ILE A 47 -6.70 -20.24 -12.54
C ILE A 47 -6.19 -19.67 -11.23
N LYS A 48 -7.11 -19.40 -10.30
CA LYS A 48 -6.69 -18.87 -9.00
C LYS A 48 -5.90 -19.91 -8.22
N ALA A 49 -6.27 -21.18 -8.32
CA ALA A 49 -5.50 -22.23 -7.65
C ALA A 49 -4.11 -22.37 -8.24
N GLY A 50 -3.95 -22.14 -9.54
CA GLY A 50 -2.63 -22.16 -10.13
C GLY A 50 -1.78 -20.96 -9.73
N TYR A 51 -2.43 -19.81 -9.51
CA TYR A 51 -1.68 -18.63 -9.06
C TYR A 51 -1.09 -18.86 -7.68
N GLN A 52 -1.85 -19.49 -6.79
CA GLN A 52 -1.33 -19.78 -5.45
C GLN A 52 -0.23 -20.84 -5.50
N SER A 53 -0.25 -21.70 -6.52
CA SER A 53 0.83 -22.67 -6.68
C SER A 53 2.10 -21.99 -7.17
N LEU A 54 1.96 -20.98 -8.03
CA LEU A 54 3.14 -20.24 -8.50
C LEU A 54 3.73 -19.38 -7.40
N LYS A 55 2.92 -18.97 -6.42
CA LYS A 55 3.43 -18.20 -5.30
C LYS A 55 4.33 -19.06 -4.41
N LYS A 56 3.94 -20.32 -4.19
CA LYS A 56 4.81 -21.23 -3.45
C LYS A 56 6.12 -21.48 -4.19
N ILE A 57 6.07 -21.48 -5.53
CA ILE A 57 7.29 -21.64 -6.31
C ILE A 57 8.18 -20.40 -6.18
N GLU A 58 7.57 -19.21 -6.22
CA GLU A 58 8.34 -17.98 -6.07
C GLU A 58 9.00 -17.89 -4.70
N ASP A 59 8.34 -18.42 -3.67
CA ASP A 59 8.94 -18.43 -2.34
C ASP A 59 10.17 -19.34 -2.29
N CYS A 60 10.09 -20.51 -2.94
CA CYS A 60 11.21 -21.43 -2.94
C CYS A 60 12.39 -20.85 -3.72
N ILE A 61 12.12 -20.13 -4.81
CA ILE A 61 13.19 -19.54 -5.59
C ILE A 61 13.87 -18.42 -4.82
N ARG A 62 13.08 -17.58 -4.14
CA ARG A 62 13.65 -16.49 -3.36
C ARG A 62 14.30 -16.98 -2.08
N ALA A 63 14.00 -18.22 -1.66
CA ALA A 63 14.63 -18.80 -0.48
C ALA A 63 15.75 -19.77 -0.83
N GLY A 64 16.09 -19.91 -2.10
CA GLY A 64 17.13 -20.81 -2.53
C GLY A 64 16.79 -22.28 -2.45
N GLN A 65 15.55 -22.62 -2.11
CA GLN A 65 15.14 -24.03 -1.98
C GLN A 65 14.99 -24.63 -3.37
N HIS A 66 15.97 -25.45 -3.77
CA HIS A 66 15.95 -26.15 -5.04
C HIS A 66 15.76 -27.66 -4.87
N GLY A 67 15.57 -28.12 -3.63
CA GLY A 67 15.39 -29.54 -3.37
C GLY A 67 13.95 -29.97 -3.43
N ARG A 68 13.55 -30.87 -2.53
CA ARG A 68 12.20 -31.44 -2.57
C ARG A 68 11.13 -30.37 -2.44
N ALA A 69 11.41 -29.29 -1.70
CA ALA A 69 10.42 -28.23 -1.53
C ALA A 69 9.97 -27.67 -2.87
N LEU A 70 10.90 -27.52 -3.81
CA LEU A 70 10.54 -27.03 -5.14
C LEU A 70 9.91 -28.13 -5.98
N MET A 71 10.36 -29.38 -5.80
CA MET A 71 9.80 -30.48 -6.60
C MET A 71 8.31 -30.67 -6.32
N GLU A 72 7.90 -30.56 -5.05
CA GLU A 72 6.49 -30.72 -4.72
C GLU A 72 5.68 -29.49 -5.10
N ALA A 73 6.27 -28.30 -5.01
CA ALA A 73 5.55 -27.09 -5.42
C ALA A 73 5.32 -27.07 -6.92
N CYS A 74 6.27 -27.55 -7.71
CA CYS A 74 6.08 -27.63 -9.15
C CYS A 74 5.04 -28.69 -9.51
N ASN A 75 5.09 -29.84 -8.82
CA ASN A 75 4.10 -30.89 -9.09
C ASN A 75 2.71 -30.43 -8.72
N GLU A 76 2.58 -29.60 -7.69
CA GLU A 76 1.27 -29.06 -7.33
C GLU A 76 0.73 -28.16 -8.43
N PHE A 77 1.58 -27.32 -9.02
CA PHE A 77 1.16 -26.46 -10.11
C PHE A 77 0.84 -27.27 -11.36
N TYR A 78 1.68 -28.25 -11.69
CA TYR A 78 1.46 -29.09 -12.85
C TYR A 78 0.25 -30.00 -12.69
N THR A 79 -0.27 -30.15 -11.47
CA THR A 79 -1.49 -30.92 -11.24
C THR A 79 -2.74 -30.05 -11.35
N ARG A 80 -2.73 -28.87 -10.70
CA ARG A 80 -3.86 -27.97 -10.82
C ARG A 80 -4.01 -27.44 -12.24
N ILE A 81 -2.88 -27.14 -12.89
CA ILE A 81 -2.89 -26.72 -14.29
C ILE A 81 -2.24 -27.84 -15.11
N PRO A 82 -3.03 -28.72 -15.73
CA PRO A 82 -2.45 -29.86 -16.44
C PRO A 82 -1.64 -29.43 -17.64
N HIS A 83 -0.58 -30.17 -17.91
CA HIS A 83 0.33 -29.91 -19.02
C HIS A 83 0.47 -31.18 -19.86
N ASP A 84 1.31 -31.12 -20.89
CA ASP A 84 1.50 -32.26 -21.79
C ASP A 84 2.90 -32.16 -22.38
N PHE A 85 3.85 -32.85 -21.74
CA PHE A 85 5.21 -32.98 -22.27
C PHE A 85 5.46 -34.33 -22.92
N GLY A 86 4.41 -35.01 -23.36
CA GLY A 86 4.57 -36.37 -23.84
C GLY A 86 4.84 -37.30 -22.67
N LEU A 87 5.85 -38.15 -22.80
CA LEU A 87 6.28 -39.01 -21.70
C LEU A 87 7.48 -38.44 -20.96
N ARG A 88 7.75 -37.15 -21.13
CA ARG A 88 8.86 -36.51 -20.45
C ARG A 88 8.46 -36.11 -19.04
N THR A 89 9.46 -36.07 -18.16
CA THR A 89 9.24 -35.59 -16.81
C THR A 89 9.16 -34.06 -16.81
N PRO A 90 8.15 -33.47 -16.18
CA PRO A 90 8.02 -32.00 -16.19
C PRO A 90 9.23 -31.34 -15.57
N PRO A 91 9.66 -30.20 -16.10
CA PRO A 91 10.87 -29.55 -15.61
C PRO A 91 10.61 -28.71 -14.37
N LEU A 92 11.70 -28.39 -13.67
CA LEU A 92 11.64 -27.60 -12.45
C LEU A 92 11.71 -26.12 -12.80
N ILE A 93 10.84 -25.33 -12.18
CA ILE A 93 10.82 -23.88 -12.37
C ILE A 93 11.68 -23.27 -11.28
N ARG A 94 12.79 -22.64 -11.66
CA ARG A 94 13.73 -22.10 -10.68
C ARG A 94 14.29 -20.74 -11.03
N THR A 95 13.98 -20.18 -12.19
CA THR A 95 14.50 -18.87 -12.60
C THR A 95 13.36 -17.89 -12.78
N GLN A 96 13.73 -16.62 -12.92
CA GLN A 96 12.73 -15.58 -13.13
C GLN A 96 12.02 -15.75 -14.47
N LYS A 97 12.79 -16.02 -15.53
CA LYS A 97 12.20 -16.18 -16.85
C LYS A 97 11.35 -17.45 -16.94
N GLU A 98 11.74 -18.51 -16.22
CA GLU A 98 10.91 -19.71 -16.16
C GLU A 98 9.61 -19.43 -15.43
N LEU A 99 9.68 -18.72 -14.30
CA LEU A 99 8.46 -18.35 -13.58
C LEU A 99 7.61 -17.42 -14.42
N SER A 100 8.23 -16.48 -15.13
CA SER A 100 7.47 -15.53 -15.94
C SER A 100 6.72 -16.24 -17.07
N GLU A 101 7.29 -17.32 -17.61
CA GLU A 101 6.61 -18.05 -18.67
C GLU A 101 5.35 -18.74 -18.16
N LYS A 102 5.36 -19.19 -16.90
CA LYS A 102 4.18 -19.84 -16.33
C LYS A 102 3.11 -18.85 -15.93
N ILE A 103 3.49 -17.65 -15.50
CA ILE A 103 2.50 -16.63 -15.18
C ILE A 103 1.81 -16.16 -16.47
N GLN A 104 2.56 -16.06 -17.57
CA GLN A 104 1.96 -15.70 -18.84
C GLN A 104 0.97 -16.75 -19.32
N LEU A 105 1.20 -18.02 -18.96
CA LEU A 105 0.20 -19.05 -19.25
C LEU A 105 -1.10 -18.78 -18.50
N LEU A 106 -1.00 -18.46 -17.20
CA LEU A 106 -2.19 -18.22 -16.40
C LEU A 106 -2.89 -16.94 -16.84
N GLU A 107 -2.12 -15.92 -17.20
CA GLU A 107 -2.73 -14.68 -17.71
C GLU A 107 -3.47 -14.93 -19.01
N ALA A 108 -2.94 -15.81 -19.85
CA ALA A 108 -3.64 -16.16 -21.09
C ALA A 108 -4.90 -16.95 -20.81
N LEU A 109 -4.83 -17.89 -19.87
CA LEU A 109 -6.01 -18.70 -19.54
C LEU A 109 -7.15 -17.83 -19.02
N GLY A 110 -6.82 -16.78 -18.26
CA GLY A 110 -7.86 -15.88 -17.77
C GLY A 110 -8.55 -15.12 -18.89
N ASP A 111 -7.79 -14.74 -19.92
CA ASP A 111 -8.39 -14.05 -21.06
C ASP A 111 -9.16 -14.99 -21.97
N ILE A 112 -8.76 -16.26 -22.02
CA ILE A 112 -9.51 -17.24 -22.80
C ILE A 112 -10.82 -17.61 -22.09
N GLU A 113 -10.78 -17.73 -20.76
CA GLU A 113 -12.00 -18.01 -20.01
C GLU A 113 -13.02 -16.91 -20.19
N ILE A 114 -12.57 -15.66 -20.33
CA ILE A 114 -13.49 -14.56 -20.61
C ILE A 114 -14.06 -14.69 -22.02
N ALA A 115 -13.19 -14.99 -22.99
CA ALA A 115 -13.66 -15.12 -24.37
C ALA A 115 -14.60 -16.30 -24.53
N ILE A 116 -14.35 -17.40 -23.81
CA ILE A 116 -15.19 -18.58 -23.95
C ILE A 116 -16.54 -18.35 -23.31
N LYS A 117 -16.60 -17.59 -22.21
CA LYS A 117 -17.88 -17.20 -21.64
C LYS A 117 -18.66 -16.29 -22.57
N LEU A 118 -17.99 -15.64 -23.53
CA LEU A 118 -18.66 -14.73 -24.44
C LEU A 118 -19.24 -15.48 -25.65
N VAL A 119 -18.50 -16.43 -26.21
CA VAL A 119 -18.95 -17.13 -27.40
C VAL A 119 -20.07 -18.11 -27.06
N LYS A 120 -20.08 -18.66 -25.85
CA LYS A 120 -21.12 -19.59 -25.42
C LYS A 120 -22.32 -18.90 -24.81
N SER A 121 -22.72 -17.75 -25.35
CA SER A 121 -23.90 -17.04 -24.88
C SER A 121 -25.14 -17.65 -25.53
N GLU A 122 -26.27 -16.93 -25.43
CA GLU A 122 -27.52 -17.43 -25.98
C GLU A 122 -28.13 -16.43 -26.96
N ARG A 123 -29.46 -16.34 -26.97
CA ARG A 123 -30.20 -15.45 -27.88
C ARG A 123 -29.87 -15.78 -29.33
N GLN A 124 -29.88 -17.07 -29.65
CA GLN A 124 -29.56 -17.54 -31.00
C GLN A 124 -30.82 -17.55 -31.85
N GLY A 125 -30.75 -16.90 -33.01
CA GLY A 125 -31.87 -16.86 -33.93
C GLY A 125 -32.14 -15.49 -34.52
N LEU A 126 -32.24 -14.47 -33.67
CA LEU A 126 -32.61 -13.15 -34.16
C LEU A 126 -31.40 -12.38 -34.66
N GLU A 127 -30.26 -12.52 -33.99
CA GLU A 127 -29.05 -11.78 -34.33
C GLU A 127 -27.99 -12.72 -34.88
N HIS A 128 -27.24 -12.23 -35.85
CA HIS A 128 -26.11 -12.99 -36.36
C HIS A 128 -25.09 -13.21 -35.25
N PRO A 129 -24.46 -14.39 -35.17
CA PRO A 129 -23.45 -14.63 -34.13
C PRO A 129 -22.32 -13.61 -34.13
N LEU A 130 -22.06 -12.95 -35.27
CA LEU A 130 -21.10 -11.87 -35.29
C LEU A 130 -21.58 -10.69 -34.47
N ASP A 131 -22.85 -10.30 -34.65
CA ASP A 131 -23.42 -9.22 -33.85
C ASP A 131 -23.62 -9.63 -32.40
N GLN A 132 -23.83 -10.93 -32.15
CA GLN A 132 -24.00 -11.41 -30.78
C GLN A 132 -22.72 -11.23 -29.98
N HIS A 133 -21.58 -11.60 -30.56
CA HIS A 133 -20.31 -11.45 -29.87
C HIS A 133 -19.88 -9.99 -29.80
N TYR A 134 -20.20 -9.19 -30.82
CA TYR A 134 -19.84 -7.78 -30.80
C TYR A 134 -20.63 -7.02 -29.73
N ARG A 135 -21.91 -7.37 -29.55
CA ARG A 135 -22.72 -6.71 -28.54
C ARG A 135 -22.27 -7.09 -27.15
N ASN A 136 -21.90 -8.35 -26.94
CA ASN A 136 -21.42 -8.79 -25.63
C ASN A 136 -20.05 -8.20 -25.29
N LEU A 137 -19.33 -7.67 -26.28
CA LEU A 137 -18.06 -7.03 -26.00
C LEU A 137 -18.24 -5.73 -25.22
N HIS A 138 -19.37 -5.04 -25.43
CA HIS A 138 -19.65 -3.75 -24.80
C HIS A 138 -18.51 -2.76 -25.08
N CYS A 139 -18.11 -2.70 -26.34
CA CYS A 139 -17.01 -1.83 -26.76
C CYS A 139 -17.15 -1.57 -28.25
N ALA A 140 -17.21 -0.31 -28.64
CA ALA A 140 -17.42 0.03 -30.04
C ALA A 140 -16.15 -0.17 -30.84
N LEU A 141 -16.31 -0.66 -32.07
CA LEU A 141 -15.20 -0.87 -33.00
C LEU A 141 -15.63 -0.33 -34.35
N ARG A 142 -15.10 0.84 -34.72
CA ARG A 142 -15.48 1.51 -35.95
C ARG A 142 -14.30 1.57 -36.92
N PRO A 143 -14.41 0.97 -38.10
CA PRO A 143 -13.29 1.03 -39.05
C PRO A 143 -13.10 2.44 -39.59
N LEU A 144 -11.84 2.78 -39.85
CA LEU A 144 -11.47 4.09 -40.36
C LEU A 144 -10.97 3.97 -41.79
N ASP A 145 -11.23 5.02 -42.57
CA ASP A 145 -10.83 5.03 -43.98
C ASP A 145 -9.31 5.09 -44.11
N HIS A 146 -8.78 4.36 -45.10
CA HIS A 146 -7.35 4.38 -45.36
C HIS A 146 -6.86 5.74 -45.82
N GLU A 147 -7.74 6.56 -46.38
CA GLU A 147 -7.41 7.91 -46.81
C GLU A 147 -7.69 8.97 -45.76
N SER A 148 -8.23 8.58 -44.61
CA SER A 148 -8.50 9.54 -43.55
C SER A 148 -7.19 10.05 -42.94
N TYR A 149 -7.29 11.17 -42.24
CA TYR A 149 -6.11 11.78 -41.65
C TYR A 149 -5.56 10.95 -40.50
N GLU A 150 -6.45 10.34 -39.72
CA GLU A 150 -6.00 9.50 -38.60
C GLU A 150 -5.17 8.32 -39.10
N PHE A 151 -5.57 7.74 -40.23
CA PHE A 151 -4.82 6.60 -40.78
C PHE A 151 -3.40 7.00 -41.16
N LYS A 152 -3.23 8.21 -41.69
CA LYS A 152 -1.89 8.67 -42.06
C LYS A 152 -1.03 8.89 -40.83
N VAL A 153 -1.62 9.41 -39.75
CA VAL A 153 -0.85 9.70 -38.55
C VAL A 153 -0.46 8.41 -37.84
N ILE A 154 -1.42 7.50 -37.67
CA ILE A 154 -1.12 6.22 -37.02
C ILE A 154 -0.13 5.42 -37.85
N SER A 155 -0.19 5.53 -39.18
CA SER A 155 0.80 4.86 -40.02
C SER A 155 2.18 5.46 -39.81
N GLN A 156 2.28 6.79 -39.73
CA GLN A 156 3.56 7.42 -39.42
C GLN A 156 4.02 7.04 -38.01
N TYR A 157 3.11 7.07 -37.04
CA TYR A 157 3.43 6.62 -35.70
C TYR A 157 3.85 5.14 -35.70
N LEU A 158 3.32 4.36 -36.64
CA LEU A 158 3.66 2.94 -36.70
C LEU A 158 5.09 2.73 -37.19
N GLN A 159 5.44 3.35 -38.31
CA GLN A 159 6.72 3.08 -38.95
C GLN A 159 7.85 3.95 -38.40
N SER A 160 7.60 5.24 -38.16
CA SER A 160 8.65 6.13 -37.68
C SER A 160 9.10 5.79 -36.26
N THR A 161 8.36 4.96 -35.53
CA THR A 161 8.75 4.54 -34.19
C THR A 161 9.21 3.09 -34.15
N HIS A 162 9.39 2.46 -35.31
CA HIS A 162 9.93 1.11 -35.36
C HIS A 162 11.39 1.14 -34.92
N ALA A 163 11.71 0.37 -33.88
CA ALA A 163 13.03 0.42 -33.29
C ALA A 163 14.08 -0.14 -34.26
N PRO A 164 15.32 0.38 -34.20
CA PRO A 164 16.36 -0.15 -35.11
C PRO A 164 16.85 -1.53 -34.72
N THR A 165 16.97 -1.81 -33.42
CA THR A 165 17.44 -3.12 -32.98
C THR A 165 16.39 -4.22 -33.14
N HIS A 166 15.19 -3.89 -33.60
CA HIS A 166 14.16 -4.88 -33.89
C HIS A 166 14.06 -5.13 -35.39
N SER A 167 15.20 -5.43 -36.02
CA SER A 167 15.28 -5.65 -37.46
C SER A 167 14.81 -7.05 -37.86
N ASP A 168 14.22 -7.81 -36.95
CA ASP A 168 13.74 -9.14 -37.28
C ASP A 168 12.53 -9.11 -38.22
N TYR A 169 11.79 -8.02 -38.24
CA TYR A 169 10.59 -7.95 -39.06
C TYR A 169 10.27 -6.50 -39.38
N THR A 170 9.44 -6.31 -40.40
CA THR A 170 8.78 -5.04 -40.67
C THR A 170 7.27 -5.25 -40.50
N MET A 171 6.55 -4.14 -40.34
CA MET A 171 5.13 -4.19 -40.03
C MET A 171 4.34 -3.41 -41.08
N THR A 172 3.25 -4.01 -41.55
CA THR A 172 2.37 -3.41 -42.53
C THR A 172 0.99 -3.24 -41.93
N LEU A 173 0.46 -2.01 -41.98
CA LEU A 173 -0.84 -1.70 -41.41
C LEU A 173 -1.93 -2.16 -42.36
N LEU A 174 -2.68 -3.19 -41.96
CA LEU A 174 -3.76 -3.73 -42.79
C LEU A 174 -5.08 -2.98 -42.57
N ASP A 175 -5.45 -2.77 -41.31
CA ASP A 175 -6.71 -2.11 -41.00
C ASP A 175 -6.55 -1.32 -39.70
N LEU A 176 -7.42 -0.33 -39.53
CA LEU A 176 -7.38 0.55 -38.37
C LEU A 176 -8.81 0.75 -37.85
N PHE A 177 -8.99 0.57 -36.55
CA PHE A 177 -10.30 0.68 -35.92
C PHE A 177 -10.27 1.71 -34.80
N GLU A 178 -11.42 2.33 -34.55
CA GLU A 178 -11.59 3.24 -33.44
C GLU A 178 -12.23 2.47 -32.28
N VAL A 179 -11.64 2.60 -31.09
CA VAL A 179 -12.06 1.86 -29.92
C VAL A 179 -12.73 2.82 -28.95
N GLU A 180 -13.91 2.44 -28.45
CA GLU A 180 -14.66 3.21 -27.45
C GLU A 180 -15.34 2.20 -26.52
N LYS A 181 -14.58 1.73 -25.53
CA LYS A 181 -15.12 0.76 -24.58
C LYS A 181 -16.13 1.44 -23.66
N ASP A 182 -17.24 0.74 -23.42
CA ASP A 182 -18.31 1.29 -22.60
C ASP A 182 -17.84 1.45 -21.16
N GLY A 183 -18.06 2.64 -20.60
CA GLY A 183 -17.66 2.93 -19.24
C GLY A 183 -16.22 3.36 -19.07
N GLU A 184 -15.45 3.48 -20.16
CA GLU A 184 -14.04 3.84 -20.04
C GLU A 184 -13.85 5.35 -19.94
N LYS A 185 -14.63 6.13 -20.69
CA LYS A 185 -14.49 7.58 -20.66
C LYS A 185 -15.08 8.19 -19.39
N GLU A 186 -15.95 7.46 -18.68
CA GLU A 186 -16.54 7.98 -17.45
C GLU A 186 -15.58 7.90 -16.26
N ALA A 187 -14.54 7.07 -16.34
CA ALA A 187 -13.58 6.91 -15.27
C ALA A 187 -12.20 7.46 -15.62
N PHE A 188 -11.99 7.92 -16.84
CA PHE A 188 -10.67 8.39 -17.25
C PHE A 188 -10.33 9.71 -16.57
N ARG A 189 -9.07 9.84 -16.16
CA ARG A 189 -8.59 11.05 -15.49
C ARG A 189 -8.30 12.12 -16.55
N GLU A 190 -9.36 12.82 -16.95
CA GLU A 190 -9.20 13.93 -17.88
C GLU A 190 -8.46 15.10 -17.25
N ASP A 191 -8.40 15.16 -15.93
CA ASP A 191 -7.72 16.26 -15.25
C ASP A 191 -6.20 16.13 -15.31
N LEU A 192 -5.70 14.90 -15.42
CA LEU A 192 -4.25 14.68 -15.39
C LEU A 192 -3.59 15.21 -16.65
N HIS A 193 -2.38 15.74 -16.48
CA HIS A 193 -1.59 16.23 -17.59
C HIS A 193 -0.76 15.08 -18.19
N ASN A 194 0.08 15.42 -19.17
CA ASN A 194 0.94 14.44 -19.84
C ASN A 194 0.12 13.32 -20.47
N ARG A 195 -0.88 13.70 -21.25
CA ARG A 195 -1.72 12.74 -21.97
C ARG A 195 -1.04 12.38 -23.29
N MET A 196 -0.66 11.11 -23.44
CA MET A 196 0.07 10.65 -24.60
C MET A 196 -0.58 9.41 -25.18
N LEU A 197 -0.40 9.23 -26.49
CA LEU A 197 -0.85 8.04 -27.20
C LEU A 197 0.29 7.04 -27.21
N LEU A 198 0.12 5.94 -26.49
CA LEU A 198 1.17 4.94 -26.32
C LEU A 198 0.73 3.59 -26.84
N TRP A 199 1.71 2.77 -27.20
CA TRP A 199 1.46 1.45 -27.76
C TRP A 199 1.26 0.41 -26.66
N HIS A 200 0.60 -0.69 -27.03
CA HIS A 200 0.48 -1.84 -26.15
C HIS A 200 0.20 -3.07 -27.00
N GLY A 201 1.02 -4.10 -26.83
CA GLY A 201 0.86 -5.34 -27.57
C GLY A 201 0.57 -6.50 -26.63
N SER A 202 -0.23 -7.44 -27.11
CA SER A 202 -0.58 -8.61 -26.32
C SER A 202 -0.78 -9.79 -27.27
N ARG A 203 -0.82 -10.99 -26.70
CA ARG A 203 -1.05 -12.18 -27.49
C ARG A 203 -2.46 -12.16 -28.08
N MET A 204 -2.68 -13.02 -29.08
CA MET A 204 -3.93 -12.99 -29.82
C MET A 204 -5.11 -13.44 -28.99
N SER A 205 -4.89 -14.33 -28.02
CA SER A 205 -5.99 -14.86 -27.22
C SER A 205 -6.47 -13.89 -26.14
N ASN A 206 -5.81 -12.75 -25.97
CA ASN A 206 -6.13 -11.82 -24.89
C ASN A 206 -6.99 -10.64 -25.33
N TRP A 207 -7.29 -10.53 -26.63
CA TRP A 207 -7.94 -9.32 -27.12
C TRP A 207 -9.42 -9.27 -26.77
N VAL A 208 -10.09 -10.42 -26.71
CA VAL A 208 -11.49 -10.41 -26.30
C VAL A 208 -11.61 -9.96 -24.85
N GLY A 209 -10.73 -10.45 -23.98
CA GLY A 209 -10.73 -10.00 -22.61
C GLY A 209 -10.24 -8.57 -22.45
N ILE A 210 -9.34 -8.12 -23.33
CA ILE A 210 -8.84 -6.75 -23.24
C ILE A 210 -9.89 -5.77 -23.75
N LEU A 211 -10.52 -6.07 -24.89
CA LEU A 211 -11.52 -5.18 -25.44
C LEU A 211 -12.78 -5.11 -24.59
N SER A 212 -13.02 -6.11 -23.75
CA SER A 212 -14.25 -6.18 -22.96
C SER A 212 -14.07 -5.76 -21.52
N HIS A 213 -12.90 -5.99 -20.94
CA HIS A 213 -12.62 -5.62 -19.55
C HIS A 213 -11.57 -4.54 -19.42
N GLY A 214 -11.01 -4.06 -20.53
CA GLY A 214 -9.93 -3.10 -20.46
C GLY A 214 -8.63 -3.73 -19.98
N LEU A 215 -7.59 -2.92 -19.96
CA LEU A 215 -6.30 -3.36 -19.47
C LEU A 215 -6.32 -3.41 -17.95
N ARG A 216 -6.06 -4.58 -17.38
CA ARG A 216 -6.21 -4.81 -15.95
C ARG A 216 -4.86 -4.97 -15.28
N ILE A 217 -4.85 -4.77 -13.97
CA ILE A 217 -3.68 -4.96 -13.13
C ILE A 217 -3.72 -6.38 -12.56
N ALA A 218 -2.54 -6.98 -12.39
CA ALA A 218 -2.45 -8.33 -11.89
C ALA A 218 -3.17 -8.46 -10.54
N PRO A 219 -3.82 -9.59 -10.27
CA PRO A 219 -4.49 -9.77 -8.97
C PRO A 219 -3.47 -9.89 -7.85
N PRO A 220 -3.89 -9.68 -6.60
CA PRO A 220 -2.91 -9.73 -5.50
C PRO A 220 -2.29 -11.10 -5.29
N GLU A 221 -3.00 -12.18 -5.60
CA GLU A 221 -2.47 -13.52 -5.42
C GLU A 221 -1.45 -13.92 -6.47
N ALA A 222 -1.22 -13.07 -7.47
CA ALA A 222 -0.22 -13.36 -8.49
C ALA A 222 1.16 -12.90 -8.01
N PRO A 223 2.22 -13.64 -8.36
CA PRO A 223 3.56 -13.25 -7.92
C PRO A 223 4.06 -12.02 -8.67
N ILE A 224 5.03 -11.34 -8.05
CA ILE A 224 5.55 -10.09 -8.59
C ILE A 224 6.69 -10.38 -9.56
N THR A 225 6.91 -11.65 -9.86
CA THR A 225 7.98 -12.04 -10.78
C THR A 225 7.66 -11.59 -12.19
N GLY A 226 8.59 -10.86 -12.81
CA GLY A 226 8.43 -10.38 -14.16
C GLY A 226 8.10 -8.90 -14.28
N TYR A 227 7.69 -8.25 -13.18
CA TYR A 227 7.33 -6.84 -13.20
C TYR A 227 8.56 -6.02 -12.86
N MET A 228 9.19 -5.45 -13.90
CA MET A 228 10.39 -4.65 -13.69
C MET A 228 10.08 -3.40 -12.87
N PHE A 229 8.87 -2.85 -13.01
CA PHE A 229 8.48 -1.65 -12.27
C PHE A 229 7.18 -1.87 -11.50
N GLY A 230 6.96 -3.09 -11.03
CA GLY A 230 5.79 -3.40 -10.23
C GLY A 230 4.57 -3.77 -11.07
N LYS A 231 3.53 -4.21 -10.36
CA LYS A 231 2.29 -4.60 -11.02
C LYS A 231 1.58 -3.36 -11.56
N GLY A 232 1.33 -3.34 -12.86
CA GLY A 232 0.67 -2.21 -13.46
C GLY A 232 0.33 -2.47 -14.91
N ILE A 233 0.11 -1.39 -15.65
CA ILE A 233 -0.19 -1.44 -17.07
C ILE A 233 0.99 -0.81 -17.80
N TYR A 234 1.72 -1.62 -18.56
CA TYR A 234 2.95 -1.18 -19.20
C TYR A 234 2.68 -0.73 -20.62
N PHE A 235 3.27 0.41 -20.99
CA PHE A 235 3.16 0.96 -22.34
C PHE A 235 4.56 1.26 -22.86
N ALA A 236 4.62 1.68 -24.13
CA ALA A 236 5.88 2.03 -24.76
C ALA A 236 5.63 3.07 -25.84
N ASP A 237 6.63 3.92 -26.07
CA ASP A 237 6.56 4.93 -27.13
C ASP A 237 7.06 4.40 -28.46
N MET A 238 7.75 3.27 -28.47
CA MET A 238 8.22 2.63 -29.70
C MET A 238 7.25 1.54 -30.10
N SER A 239 6.80 1.60 -31.36
CA SER A 239 5.79 0.65 -31.82
C SER A 239 6.31 -0.79 -31.81
N SER A 240 7.54 -1.00 -32.29
CA SER A 240 8.07 -2.35 -32.38
C SER A 240 8.33 -2.96 -31.01
N LYS A 241 8.57 -2.14 -30.00
CA LYS A 241 8.77 -2.66 -28.65
C LYS A 241 7.51 -3.32 -28.11
N SER A 242 6.35 -2.70 -28.36
CA SER A 242 5.08 -3.30 -27.96
C SER A 242 4.67 -4.43 -28.89
N ALA A 243 5.01 -4.33 -30.18
CA ALA A 243 4.65 -5.37 -31.13
C ALA A 243 5.36 -6.68 -30.85
N ASN A 244 6.51 -6.64 -30.18
CA ASN A 244 7.18 -7.88 -29.79
C ASN A 244 6.35 -8.68 -28.81
N TYR A 245 5.54 -8.00 -28.00
CA TYR A 245 4.69 -8.67 -27.02
C TYR A 245 3.45 -9.29 -27.65
N CYS A 246 3.22 -9.08 -28.94
CA CYS A 246 2.18 -9.83 -29.65
C CYS A 246 2.59 -11.27 -29.88
N PHE A 247 3.90 -11.56 -29.88
CA PHE A 247 4.43 -12.90 -30.08
C PHE A 247 3.93 -13.51 -31.40
N ALA A 248 3.96 -12.70 -32.45
CA ALA A 248 3.63 -13.20 -33.78
C ALA A 248 4.71 -14.17 -34.26
N SER A 249 4.29 -15.17 -35.00
CA SER A 249 5.18 -16.21 -35.51
C SER A 249 5.27 -16.11 -37.03
N ARG A 250 6.17 -16.94 -37.59
CA ARG A 250 6.30 -17.00 -39.04
C ARG A 250 5.09 -17.68 -39.67
N LEU A 251 4.47 -18.63 -38.96
CA LEU A 251 3.26 -19.28 -39.46
C LEU A 251 2.02 -18.46 -39.19
N LYS A 252 1.98 -17.73 -38.08
CA LYS A 252 0.90 -16.84 -37.72
C LYS A 252 1.49 -15.43 -37.58
N ASN A 253 1.52 -14.70 -38.70
CA ASN A 253 2.17 -13.40 -38.77
C ASN A 253 1.17 -12.25 -38.85
N THR A 254 0.04 -12.38 -38.15
CA THR A 254 -0.98 -11.33 -38.09
C THR A 254 -1.37 -11.12 -36.63
N GLY A 255 -1.06 -9.93 -36.12
CA GLY A 255 -1.40 -9.59 -34.75
C GLY A 255 -2.17 -8.30 -34.63
N LEU A 256 -2.33 -7.80 -33.41
CA LEU A 256 -3.07 -6.58 -33.15
C LEU A 256 -2.26 -5.66 -32.25
N LEU A 257 -2.36 -4.36 -32.49
CA LEU A 257 -1.70 -3.35 -31.67
C LEU A 257 -2.75 -2.39 -31.14
N LEU A 258 -2.62 -2.01 -29.87
CA LEU A 258 -3.57 -1.14 -29.19
C LEU A 258 -2.91 0.19 -28.88
N LEU A 259 -3.60 1.28 -29.23
CA LEU A 259 -3.17 2.63 -28.90
C LEU A 259 -4.17 3.22 -27.92
N SER A 260 -3.70 3.63 -26.74
CA SER A 260 -4.56 4.13 -25.69
C SER A 260 -4.08 5.50 -25.22
N GLU A 261 -5.01 6.31 -24.75
CA GLU A 261 -4.69 7.59 -24.14
C GLU A 261 -4.33 7.37 -22.68
N VAL A 262 -3.06 7.52 -22.35
CA VAL A 262 -2.54 7.25 -21.02
C VAL A 262 -2.33 8.56 -20.28
N ALA A 263 -2.96 8.71 -19.12
CA ALA A 263 -2.82 9.90 -18.29
C ALA A 263 -1.59 9.71 -17.41
N LEU A 264 -0.43 10.15 -17.91
CA LEU A 264 0.81 9.92 -17.20
C LEU A 264 0.95 10.83 -15.99
N GLY A 265 0.58 12.10 -16.14
CA GLY A 265 0.76 13.05 -15.05
C GLY A 265 2.24 13.31 -14.83
N GLN A 266 2.62 13.43 -13.55
CA GLN A 266 4.02 13.64 -13.19
C GLN A 266 4.76 12.31 -13.27
N CYS A 267 5.76 12.24 -14.15
CA CYS A 267 6.49 11.00 -14.39
C CYS A 267 7.59 10.80 -13.35
N ASN A 268 7.61 9.61 -12.76
CA ASN A 268 8.72 9.19 -11.89
C ASN A 268 9.74 8.49 -12.79
N GLU A 269 10.83 9.18 -13.11
CA GLU A 269 11.82 8.66 -14.05
C GLU A 269 12.79 7.73 -13.34
N LEU A 270 12.85 6.47 -13.79
CA LEU A 270 13.72 5.48 -13.21
C LEU A 270 14.70 4.95 -14.26
N LEU A 271 15.82 4.44 -13.78
CA LEU A 271 16.83 3.82 -14.63
C LEU A 271 17.02 2.35 -14.31
N GLU A 272 17.41 2.03 -13.08
CA GLU A 272 17.55 0.65 -12.67
C GLU A 272 16.17 0.04 -12.40
N ALA A 273 16.11 -1.28 -12.52
CA ALA A 273 14.87 -2.00 -12.27
C ALA A 273 14.49 -1.92 -10.79
N ASN A 274 13.18 -1.89 -10.54
CA ASN A 274 12.65 -1.81 -9.18
C ASN A 274 11.21 -2.31 -9.16
N PRO A 275 10.98 -3.53 -8.67
CA PRO A 275 9.60 -4.06 -8.65
C PRO A 275 8.79 -3.51 -7.48
N LYS A 276 9.00 -2.24 -7.15
CA LYS A 276 8.27 -1.59 -6.07
C LYS A 276 8.24 -0.09 -6.29
N ALA A 277 8.31 0.35 -7.55
CA ALA A 277 8.25 1.76 -7.88
C ALA A 277 6.87 2.35 -7.64
N GLU A 278 5.86 1.52 -7.38
CA GLU A 278 4.53 2.04 -7.08
C GLU A 278 4.51 2.79 -5.75
N GLY A 279 5.19 2.25 -4.73
CA GLY A 279 5.32 2.92 -3.47
C GLY A 279 6.32 4.06 -3.45
N LEU A 280 7.03 4.27 -4.55
CA LEU A 280 8.00 5.35 -4.67
C LEU A 280 7.44 6.57 -5.38
N LEU A 281 6.15 6.54 -5.74
CA LEU A 281 5.55 7.69 -6.43
C LEU A 281 5.41 8.87 -5.48
N GLN A 282 4.60 8.71 -4.42
CA GLN A 282 4.37 9.73 -3.41
C GLN A 282 3.93 11.05 -4.05
N GLY A 283 2.68 11.03 -4.53
CA GLY A 283 2.11 12.13 -5.26
C GLY A 283 2.23 12.02 -6.76
N LYS A 284 3.28 11.37 -7.25
CA LYS A 284 3.42 11.14 -8.68
C LYS A 284 2.36 10.14 -9.16
N HIS A 285 2.13 10.14 -10.47
CA HIS A 285 1.05 9.36 -11.06
C HIS A 285 1.52 8.26 -12.01
N SER A 286 2.79 8.23 -12.38
CA SER A 286 3.26 7.20 -13.30
C SER A 286 4.77 7.02 -13.13
N THR A 287 5.23 5.82 -13.47
CA THR A 287 6.65 5.48 -13.45
C THR A 287 7.13 5.32 -14.89
N LYS A 288 8.19 6.03 -15.25
CA LYS A 288 8.74 6.01 -16.60
C LYS A 288 10.14 5.43 -16.57
N GLY A 289 10.31 4.27 -17.21
CA GLY A 289 11.63 3.69 -17.36
C GLY A 289 12.40 4.35 -18.49
N LEU A 290 13.57 4.91 -18.18
CA LEU A 290 14.34 5.66 -19.17
C LEU A 290 15.16 4.71 -20.03
N GLY A 291 15.06 4.87 -21.35
CA GLY A 291 15.80 4.07 -22.30
C GLY A 291 16.89 4.85 -23.01
N LYS A 292 17.64 4.12 -23.84
CA LYS A 292 18.74 4.73 -24.58
C LYS A 292 18.26 5.49 -25.80
N MET A 293 17.11 5.12 -26.36
CA MET A 293 16.59 5.73 -27.56
C MET A 293 15.10 6.03 -27.37
N ALA A 294 14.69 7.21 -27.83
CA ALA A 294 13.31 7.66 -27.68
C ALA A 294 13.06 8.77 -28.70
N PRO A 295 11.81 8.97 -29.13
CA PRO A 295 11.54 10.03 -30.10
C PRO A 295 11.76 11.41 -29.49
N SER A 296 12.19 12.34 -30.34
CA SER A 296 12.44 13.71 -29.92
C SER A 296 11.17 14.54 -30.05
N SER A 297 11.02 15.50 -29.13
CA SER A 297 9.82 16.33 -29.05
C SER A 297 9.63 17.25 -30.24
N ALA A 298 10.58 17.30 -31.18
CA ALA A 298 10.44 18.17 -32.34
C ALA A 298 9.41 17.64 -33.33
N HIS A 299 9.17 16.32 -33.34
CA HIS A 299 8.22 15.70 -34.24
C HIS A 299 6.91 15.34 -33.56
N PHE A 300 6.63 15.94 -32.40
CA PHE A 300 5.42 15.63 -31.66
C PHE A 300 4.24 16.43 -32.18
N VAL A 301 3.08 15.79 -32.27
CA VAL A 301 1.83 16.45 -32.64
C VAL A 301 0.77 16.07 -31.62
N THR A 302 -0.42 16.63 -31.79
CA THR A 302 -1.55 16.40 -30.88
C THR A 302 -2.72 15.80 -31.65
N LEU A 303 -3.35 14.79 -31.05
CA LEU A 303 -4.52 14.13 -31.64
C LEU A 303 -5.59 14.04 -30.56
N ASN A 304 -6.54 14.97 -30.58
CA ASN A 304 -7.63 15.04 -29.61
C ASN A 304 -7.11 15.12 -28.18
N GLY A 305 -6.34 16.19 -27.93
CA GLY A 305 -5.83 16.43 -26.60
C GLY A 305 -4.85 15.40 -26.09
N SER A 306 -4.15 14.72 -27.00
CA SER A 306 -3.16 13.70 -26.62
C SER A 306 -1.95 13.83 -27.53
N THR A 307 -0.76 13.82 -26.93
CA THR A 307 0.47 13.99 -27.69
C THR A 307 0.90 12.65 -28.29
N VAL A 308 1.09 12.65 -29.61
CA VAL A 308 1.57 11.47 -30.33
C VAL A 308 3.09 11.62 -30.48
N PRO A 309 3.89 10.78 -29.85
CA PRO A 309 5.36 10.91 -29.99
C PRO A 309 5.89 10.24 -31.25
N LEU A 310 5.71 10.92 -32.38
CA LEU A 310 6.15 10.38 -33.66
C LEU A 310 7.67 10.35 -33.74
N GLY A 311 8.17 9.55 -34.68
CA GLY A 311 9.59 9.41 -34.89
C GLY A 311 10.11 10.34 -35.96
N PRO A 312 11.35 10.10 -36.42
CA PRO A 312 12.27 9.04 -36.00
C PRO A 312 12.88 9.31 -34.64
N ALA A 313 13.31 8.27 -33.92
CA ALA A 313 13.88 8.43 -32.60
C ALA A 313 15.37 8.71 -32.68
N SER A 314 15.90 9.28 -31.60
CA SER A 314 17.32 9.62 -31.52
C SER A 314 17.83 9.26 -30.13
N ASP A 315 19.14 9.38 -29.96
CA ASP A 315 19.76 9.02 -28.68
C ASP A 315 19.34 10.01 -27.59
N THR A 316 19.07 9.46 -26.41
CA THR A 316 18.67 10.26 -25.27
C THR A 316 19.83 10.62 -24.34
N GLY A 317 21.03 10.09 -24.61
CA GLY A 317 22.16 10.33 -23.73
C GLY A 317 21.99 9.69 -22.37
N ILE A 318 21.27 8.59 -22.29
CA ILE A 318 20.95 7.92 -21.04
C ILE A 318 21.79 6.65 -20.95
N LEU A 319 22.45 6.46 -19.82
CA LEU A 319 23.26 5.27 -19.58
C LEU A 319 23.22 4.91 -18.10
N ASN A 320 23.04 3.63 -17.81
CA ASN A 320 23.01 3.15 -16.43
C ASN A 320 24.43 2.82 -16.01
N PRO A 321 25.01 3.53 -15.04
CA PRO A 321 26.41 3.25 -14.67
C PRO A 321 26.57 1.97 -13.86
N ASP A 322 25.64 1.69 -12.95
CA ASP A 322 25.76 0.52 -12.09
C ASP A 322 24.65 -0.48 -12.35
N GLY A 323 24.51 -0.92 -13.59
CA GLY A 323 23.48 -1.89 -13.91
C GLY A 323 23.24 -1.97 -15.41
N TYR A 324 22.02 -2.37 -15.76
CA TYR A 324 21.62 -2.56 -17.14
C TYR A 324 20.76 -1.39 -17.59
N THR A 325 20.97 -0.94 -18.83
CA THR A 325 20.26 0.20 -19.39
C THR A 325 19.20 -0.30 -20.36
N LEU A 326 17.97 0.22 -20.22
CA LEU A 326 16.91 -0.12 -21.16
C LEU A 326 17.22 0.47 -22.52
N ASN A 327 16.86 -0.27 -23.57
CA ASN A 327 17.06 0.23 -24.93
C ASN A 327 16.06 1.31 -25.29
N TYR A 328 14.82 1.19 -24.79
CA TYR A 328 13.76 2.15 -25.07
C TYR A 328 12.98 2.41 -23.80
N ASN A 329 12.01 3.32 -23.89
CA ASN A 329 11.28 3.77 -22.71
C ASN A 329 10.17 2.80 -22.34
N GLU A 330 9.72 2.91 -21.10
CA GLU A 330 8.61 2.12 -20.57
C GLU A 330 7.74 3.03 -19.72
N TYR A 331 6.44 3.03 -19.99
CA TYR A 331 5.47 3.82 -19.24
C TYR A 331 4.57 2.88 -18.46
N ILE A 332 4.42 3.14 -17.16
CA ILE A 332 3.66 2.26 -16.27
C ILE A 332 2.67 3.10 -15.47
N VAL A 333 1.40 2.69 -15.48
CA VAL A 333 0.37 3.26 -14.65
C VAL A 333 -0.12 2.18 -13.69
N TYR A 334 -0.59 2.61 -12.52
CA TYR A 334 -0.98 1.68 -11.47
C TYR A 334 -2.46 1.80 -11.14
N ASN A 335 -3.27 2.16 -12.13
CA ASN A 335 -4.72 2.24 -11.99
C ASN A 335 -5.37 2.29 -13.37
N PRO A 336 -6.32 1.41 -13.66
CA PRO A 336 -6.93 1.38 -15.01
C PRO A 336 -7.64 2.67 -15.37
N ASN A 337 -8.02 3.49 -14.40
CA ASN A 337 -8.71 4.74 -14.69
C ASN A 337 -7.78 5.82 -15.27
N GLN A 338 -6.53 5.47 -15.56
CA GLN A 338 -5.60 6.36 -16.25
C GLN A 338 -5.41 5.98 -17.71
N VAL A 339 -6.16 4.98 -18.19
CA VAL A 339 -6.00 4.46 -19.55
C VAL A 339 -7.35 4.49 -20.24
N ARG A 340 -7.37 4.99 -21.47
CA ARG A 340 -8.57 5.00 -22.31
C ARG A 340 -8.18 4.52 -23.70
N MET A 341 -8.59 3.31 -24.06
CA MET A 341 -8.26 2.76 -25.36
C MET A 341 -8.92 3.58 -26.46
N ARG A 342 -8.22 3.74 -27.57
CA ARG A 342 -8.68 4.60 -28.65
C ARG A 342 -8.59 3.95 -30.03
N TYR A 343 -7.48 3.30 -30.33
CA TYR A 343 -7.23 2.75 -31.66
C TYR A 343 -6.81 1.30 -31.57
N LEU A 344 -7.24 0.51 -32.56
CA LEU A 344 -6.85 -0.89 -32.68
C LEU A 344 -6.30 -1.11 -34.08
N LEU A 345 -5.10 -1.70 -34.17
CA LEU A 345 -4.37 -1.83 -35.42
C LEU A 345 -4.30 -3.29 -35.84
N LYS A 346 -4.72 -3.56 -37.08
CA LYS A 346 -4.55 -4.88 -37.68
C LYS A 346 -3.20 -4.87 -38.40
N VAL A 347 -2.21 -5.52 -37.81
CA VAL A 347 -0.82 -5.42 -38.25
C VAL A 347 -0.37 -6.76 -38.81
N GLN A 348 0.27 -6.72 -39.98
CA GLN A 348 0.85 -7.90 -40.59
C GLN A 348 2.36 -7.88 -40.37
N PHE A 349 2.89 -8.94 -39.77
CA PHE A 349 4.31 -9.04 -39.46
C PHE A 349 5.02 -9.68 -40.65
N ASN A 350 5.88 -8.92 -41.32
CA ASN A 350 6.68 -9.41 -42.43
C ASN A 350 8.04 -9.81 -41.88
N PHE A 351 8.17 -11.09 -41.52
CA PHE A 351 9.38 -11.56 -40.87
C PHE A 351 10.53 -11.69 -41.88
N LEU A 352 11.74 -11.45 -41.39
CA LEU A 352 12.96 -11.55 -42.20
C LEU A 352 13.37 -13.01 -42.25
N GLN A 353 12.80 -13.75 -43.20
CA GLN A 353 13.07 -15.17 -43.35
C GLN A 353 13.89 -15.45 -44.60
N GLY B 1 -31.50 -10.46 14.23
CA GLY B 1 -30.29 -10.35 15.02
C GLY B 1 -29.91 -8.92 15.33
N PRO B 2 -29.10 -8.73 16.38
CA PRO B 2 -28.66 -7.38 16.73
C PRO B 2 -27.84 -6.75 15.61
N GLU B 3 -28.02 -5.44 15.43
CA GLU B 3 -27.35 -4.70 14.38
C GLU B 3 -27.00 -3.30 14.90
N SER B 4 -25.92 -2.73 14.37
CA SER B 4 -25.45 -1.42 14.80
C SER B 4 -26.12 -0.31 14.00
N GLN B 5 -26.35 0.81 14.67
CA GLN B 5 -26.94 1.99 14.05
C GLN B 5 -25.93 3.14 13.91
N LEU B 6 -24.65 2.86 14.08
CA LEU B 6 -23.62 3.88 13.95
C LEU B 6 -23.10 3.94 12.51
N ASP B 7 -22.31 4.97 12.23
CA ASP B 7 -21.61 5.05 10.96
C ASP B 7 -20.63 3.90 10.82
N LEU B 8 -20.48 3.40 9.60
CA LEU B 8 -19.61 2.24 9.39
C LEU B 8 -18.18 2.54 9.77
N ARG B 9 -17.69 3.74 9.42
CA ARG B 9 -16.30 4.09 9.74
C ARG B 9 -16.05 4.09 11.24
N VAL B 10 -17.04 4.53 12.03
CA VAL B 10 -16.90 4.45 13.48
C VAL B 10 -16.95 3.01 13.95
N GLN B 11 -17.70 2.15 13.25
CA GLN B 11 -17.83 0.75 13.65
C GLN B 11 -16.49 0.01 13.51
N GLU B 12 -15.75 0.26 12.43
CA GLU B 12 -14.44 -0.36 12.29
C GLU B 12 -13.47 0.14 13.35
N LEU B 13 -13.60 1.40 13.77
CA LEU B 13 -12.72 1.93 14.81
C LEU B 13 -13.02 1.30 16.16
N ILE B 14 -14.30 1.16 16.50
CA ILE B 14 -14.68 0.57 17.79
C ILE B 14 -14.33 -0.90 17.83
N LYS B 15 -14.64 -1.63 16.74
CA LYS B 15 -14.31 -3.06 16.69
C LYS B 15 -12.81 -3.32 16.70
N LEU B 16 -12.01 -2.34 16.28
CA LEU B 16 -10.56 -2.51 16.29
C LEU B 16 -9.97 -2.27 17.68
N ILE B 17 -10.36 -1.16 18.32
CA ILE B 17 -9.77 -0.79 19.61
C ILE B 17 -10.39 -1.53 20.79
N CYS B 18 -11.43 -2.34 20.56
CA CYS B 18 -12.09 -3.08 21.62
C CYS B 18 -11.88 -4.58 21.51
N ASN B 19 -11.04 -5.03 20.59
CA ASN B 19 -10.77 -6.46 20.41
C ASN B 19 -9.91 -6.94 21.57
N VAL B 20 -10.53 -7.61 22.54
CA VAL B 20 -9.80 -8.14 23.69
C VAL B 20 -8.78 -9.18 23.23
N GLN B 21 -9.10 -9.94 22.19
CA GLN B 21 -8.18 -10.96 21.70
C GLN B 21 -6.88 -10.34 21.19
N ALA B 22 -6.95 -9.13 20.63
CA ALA B 22 -5.74 -8.44 20.21
C ALA B 22 -4.96 -7.94 21.42
N MET B 23 -5.65 -7.49 22.46
CA MET B 23 -4.96 -7.06 23.67
C MET B 23 -4.30 -8.23 24.38
N GLU B 24 -4.93 -9.41 24.33
CA GLU B 24 -4.32 -10.59 24.91
C GLU B 24 -3.03 -10.96 24.17
N GLU B 25 -3.11 -11.06 22.83
CA GLU B 25 -1.93 -11.38 22.04
C GLU B 25 -0.82 -10.36 22.26
N MET B 26 -1.18 -9.09 22.43
CA MET B 26 -0.17 -8.06 22.71
C MET B 26 0.47 -8.26 24.07
N MET B 27 -0.27 -8.84 25.02
CA MET B 27 0.31 -9.12 26.33
C MET B 27 1.24 -10.32 26.30
N MET B 28 0.86 -11.38 25.56
CA MET B 28 1.72 -12.55 25.47
C MET B 28 3.04 -12.22 24.78
N GLU B 29 3.01 -11.31 23.80
CA GLU B 29 4.25 -10.87 23.17
C GLU B 29 5.13 -10.10 24.13
N MET B 30 4.55 -9.57 25.21
CA MET B 30 5.33 -8.96 26.29
C MET B 30 5.71 -9.97 27.37
N LYS B 31 5.57 -11.28 27.08
CA LYS B 31 5.88 -12.34 28.03
C LYS B 31 5.03 -12.23 29.28
N TYR B 32 3.76 -11.86 29.12
CA TYR B 32 2.80 -11.80 30.21
C TYR B 32 1.93 -13.04 30.21
N ASN B 33 1.73 -13.61 31.39
CA ASN B 33 0.97 -14.86 31.53
C ASN B 33 -0.51 -14.52 31.66
N THR B 34 -1.26 -14.75 30.58
CA THR B 34 -2.71 -14.55 30.61
C THR B 34 -3.46 -15.75 31.18
N LYS B 35 -2.84 -16.94 31.16
CA LYS B 35 -3.49 -18.11 31.75
C LYS B 35 -3.43 -18.06 33.27
N LYS B 36 -2.30 -17.62 33.84
CA LYS B 36 -2.19 -17.48 35.28
C LYS B 36 -2.86 -16.21 35.79
N ALA B 37 -2.95 -15.18 34.95
CA ALA B 37 -3.59 -13.92 35.32
C ALA B 37 -4.38 -13.41 34.13
N PRO B 38 -5.64 -13.85 33.99
CA PRO B 38 -6.45 -13.38 32.87
C PRO B 38 -6.69 -11.88 32.94
N LEU B 39 -6.91 -11.27 31.78
CA LEU B 39 -7.17 -9.84 31.72
C LEU B 39 -8.47 -9.46 32.41
N GLY B 40 -9.38 -10.42 32.60
CA GLY B 40 -10.62 -10.14 33.29
C GLY B 40 -10.49 -10.03 34.80
N LYS B 41 -9.43 -10.59 35.36
CA LYS B 41 -9.17 -10.50 36.79
C LYS B 41 -8.23 -9.35 37.14
N LEU B 42 -7.96 -8.47 36.19
CA LEU B 42 -7.04 -7.36 36.37
C LEU B 42 -7.77 -6.17 36.99
N THR B 43 -7.18 -5.59 38.03
CA THR B 43 -7.71 -4.39 38.67
C THR B 43 -6.61 -3.35 38.78
N VAL B 44 -7.01 -2.12 39.12
CA VAL B 44 -6.06 -1.02 39.28
C VAL B 44 -5.11 -1.27 40.43
N ALA B 45 -5.51 -2.07 41.43
CA ALA B 45 -4.65 -2.32 42.57
C ALA B 45 -3.40 -3.11 42.19
N GLN B 46 -3.56 -4.15 41.36
CA GLN B 46 -2.41 -4.95 40.95
C GLN B 46 -1.42 -4.14 40.14
N ILE B 47 -1.91 -3.25 39.27
CA ILE B 47 -1.02 -2.41 38.48
C ILE B 47 -0.28 -1.44 39.39
N LYS B 48 -0.97 -0.88 40.37
CA LYS B 48 -0.31 -0.05 41.37
C LYS B 48 0.75 -0.86 42.11
N ALA B 49 0.39 -2.06 42.57
CA ALA B 49 1.35 -2.90 43.28
C ALA B 49 2.57 -3.22 42.43
N GLY B 50 2.38 -3.37 41.12
CA GLY B 50 3.51 -3.57 40.23
C GLY B 50 4.39 -2.34 40.12
N TYR B 51 3.80 -1.15 40.26
CA TYR B 51 4.60 0.06 40.24
C TYR B 51 5.46 0.20 41.48
N GLN B 52 5.04 -0.39 42.60
CA GLN B 52 5.87 -0.39 43.80
C GLN B 52 7.14 -1.21 43.59
N SER B 53 6.98 -2.45 43.15
CA SER B 53 8.13 -3.35 42.99
C SER B 53 9.15 -2.77 42.01
N LEU B 54 8.70 -2.02 41.02
CA LEU B 54 9.64 -1.36 40.12
C LEU B 54 10.34 -0.20 40.81
N LYS B 55 9.67 0.47 41.75
CA LYS B 55 10.33 1.52 42.53
C LYS B 55 11.31 0.92 43.52
N LYS B 56 10.97 -0.23 44.10
CA LYS B 56 11.92 -0.93 44.97
C LYS B 56 13.13 -1.42 44.17
N ILE B 57 12.90 -1.94 42.96
CA ILE B 57 14.01 -2.30 42.09
C ILE B 57 14.85 -1.07 41.78
N GLU B 58 14.19 0.03 41.44
CA GLU B 58 14.90 1.28 41.18
C GLU B 58 15.68 1.75 42.41
N ASP B 59 15.17 1.48 43.60
CA ASP B 59 15.91 1.83 44.81
C ASP B 59 17.09 0.89 45.03
N CYS B 60 16.95 -0.38 44.66
CA CYS B 60 18.06 -1.33 44.80
C CYS B 60 19.21 -0.96 43.87
N ILE B 61 18.90 -0.48 42.66
CA ILE B 61 19.95 -0.08 41.74
C ILE B 61 20.62 1.20 42.22
N ARG B 62 19.84 2.11 42.80
CA ARG B 62 20.42 3.36 43.30
C ARG B 62 21.34 3.11 44.48
N ALA B 63 20.99 2.15 45.33
CA ALA B 63 21.81 1.81 46.49
C ALA B 63 22.94 0.84 46.16
N GLY B 64 23.02 0.36 44.92
CA GLY B 64 24.07 -0.56 44.53
C GLY B 64 23.88 -1.99 44.97
N GLN B 65 22.68 -2.37 45.41
CA GLN B 65 22.39 -3.73 45.85
C GLN B 65 22.01 -4.57 44.63
N HIS B 66 22.92 -5.47 44.22
CA HIS B 66 22.69 -6.33 43.08
C HIS B 66 22.68 -7.80 43.46
N GLY B 67 22.42 -8.11 44.73
CA GLY B 67 22.43 -9.49 45.17
C GLY B 67 21.09 -9.96 45.69
N ARG B 68 20.93 -10.01 47.01
CA ARG B 68 19.70 -10.50 47.60
C ARG B 68 18.58 -9.48 47.45
N ALA B 69 18.83 -8.22 47.82
CA ALA B 69 17.79 -7.21 47.80
C ALA B 69 17.18 -7.05 46.41
N LEU B 70 18.01 -7.13 45.37
CA LEU B 70 17.49 -7.06 44.01
C LEU B 70 16.72 -8.32 43.64
N MET B 71 17.09 -9.46 44.20
CA MET B 71 16.40 -10.72 43.88
C MET B 71 15.00 -10.75 44.48
N GLU B 72 14.86 -10.34 45.74
CA GLU B 72 13.55 -10.31 46.35
C GLU B 72 12.66 -9.24 45.74
N ALA B 73 13.24 -8.11 45.33
CA ALA B 73 12.45 -7.06 44.69
C ALA B 73 11.95 -7.51 43.32
N CYS B 74 12.80 -8.21 42.57
CA CYS B 74 12.38 -8.70 41.25
C CYS B 74 11.43 -9.88 41.39
N ASN B 75 11.70 -10.80 42.32
CA ASN B 75 10.80 -11.92 42.54
C ASN B 75 9.43 -11.44 43.02
N GLU B 76 9.38 -10.32 43.73
CA GLU B 76 8.10 -9.75 44.11
C GLU B 76 7.33 -9.24 42.91
N PHE B 77 8.03 -8.55 41.99
CA PHE B 77 7.37 -8.01 40.80
C PHE B 77 6.79 -9.14 39.93
N TYR B 78 7.59 -10.19 39.71
CA TYR B 78 7.13 -11.31 38.89
C TYR B 78 5.99 -12.08 39.51
N THR B 79 5.70 -11.87 40.80
CA THR B 79 4.56 -12.51 41.45
C THR B 79 3.31 -11.63 41.39
N ARG B 80 3.45 -10.32 41.56
CA ARG B 80 2.31 -9.43 41.38
C ARG B 80 1.92 -9.32 39.91
N ILE B 81 2.91 -9.30 39.02
CA ILE B 81 2.67 -9.28 37.58
C ILE B 81 3.20 -10.59 37.01
N PRO B 82 2.37 -11.63 36.90
CA PRO B 82 2.87 -12.93 36.45
C PRO B 82 3.35 -12.88 35.00
N HIS B 83 4.45 -13.58 34.75
CA HIS B 83 5.06 -13.68 33.43
C HIS B 83 5.05 -15.13 32.95
N ASP B 84 5.54 -15.33 31.73
CA ASP B 84 5.58 -16.67 31.12
C ASP B 84 6.95 -16.85 30.46
N PHE B 85 7.87 -17.47 31.21
CA PHE B 85 9.21 -17.76 30.71
C PHE B 85 9.44 -19.26 30.51
N GLY B 86 8.38 -20.07 30.55
CA GLY B 86 8.50 -21.49 30.37
C GLY B 86 9.31 -22.17 31.47
N LEU B 87 10.52 -22.60 31.14
CA LEU B 87 11.40 -23.25 32.11
C LEU B 87 12.53 -22.35 32.58
N ARG B 88 12.79 -21.24 31.90
CA ARG B 88 13.89 -20.36 32.27
C ARG B 88 13.52 -19.55 33.51
N THR B 89 14.56 -19.16 34.27
CA THR B 89 14.34 -18.34 35.43
C THR B 89 14.03 -16.89 35.02
N PRO B 90 13.23 -16.19 35.80
CA PRO B 90 12.90 -14.80 35.46
C PRO B 90 14.13 -13.93 35.48
N PRO B 91 14.31 -13.07 34.48
CA PRO B 91 15.50 -12.23 34.43
C PRO B 91 15.48 -11.15 35.50
N LEU B 92 16.67 -10.65 35.81
CA LEU B 92 16.84 -9.60 36.80
C LEU B 92 16.85 -8.24 36.12
N ILE B 93 16.00 -7.33 36.60
CA ILE B 93 15.90 -5.98 36.05
C ILE B 93 17.01 -5.14 36.67
N ARG B 94 18.02 -4.80 35.87
CA ARG B 94 19.19 -4.09 36.37
C ARG B 94 19.45 -2.76 35.67
N THR B 95 19.13 -2.62 34.40
CA THR B 95 19.35 -1.38 33.67
C THR B 95 18.02 -0.69 33.41
N GLN B 96 18.12 0.58 32.97
CA GLN B 96 16.93 1.40 32.77
C GLN B 96 16.05 0.89 31.63
N LYS B 97 16.65 0.22 30.65
CA LYS B 97 15.87 -0.28 29.52
C LYS B 97 15.00 -1.46 29.94
N GLU B 98 15.51 -2.31 30.82
CA GLU B 98 14.68 -3.38 31.37
C GLU B 98 13.58 -2.81 32.26
N LEU B 99 13.89 -1.74 33.00
CA LEU B 99 12.88 -1.09 33.81
C LEU B 99 11.85 -0.39 32.94
N SER B 100 12.31 0.33 31.91
CA SER B 100 11.39 1.01 31.00
C SER B 100 10.50 0.02 30.25
N GLU B 101 11.02 -1.17 29.94
CA GLU B 101 10.21 -2.17 29.27
C GLU B 101 9.10 -2.69 30.20
N LYS B 102 9.40 -2.80 31.49
CA LYS B 102 8.39 -3.27 32.44
C LYS B 102 7.34 -2.20 32.71
N ILE B 103 7.72 -0.93 32.65
CA ILE B 103 6.72 0.14 32.82
C ILE B 103 5.79 0.19 31.63
N GLN B 104 6.30 -0.10 30.42
CA GLN B 104 5.43 -0.21 29.26
C GLN B 104 4.41 -1.33 29.43
N LEU B 105 4.77 -2.37 30.17
CA LEU B 105 3.82 -3.43 30.49
C LEU B 105 2.72 -2.91 31.39
N LEU B 106 3.09 -2.21 32.47
CA LEU B 106 2.10 -1.70 33.41
C LEU B 106 1.23 -0.63 32.75
N GLU B 107 1.82 0.22 31.91
CA GLU B 107 1.04 1.20 31.17
C GLU B 107 0.08 0.51 30.20
N ALA B 108 0.49 -0.62 29.63
CA ALA B 108 -0.40 -1.34 28.73
C ALA B 108 -1.50 -2.06 29.50
N LEU B 109 -1.17 -2.62 30.66
CA LEU B 109 -2.18 -3.30 31.47
C LEU B 109 -3.22 -2.31 32.00
N GLY B 110 -2.78 -1.12 32.39
CA GLY B 110 -3.70 -0.12 32.89
C GLY B 110 -4.71 0.33 31.84
N ASP B 111 -4.24 0.58 30.61
CA ASP B 111 -5.14 0.97 29.54
C ASP B 111 -6.00 -0.21 29.09
N ILE B 112 -5.47 -1.43 29.17
CA ILE B 112 -6.28 -2.60 28.85
C ILE B 112 -7.37 -2.80 29.89
N GLU B 113 -7.05 -2.52 31.16
CA GLU B 113 -8.04 -2.66 32.22
C GLU B 113 -9.24 -1.76 31.99
N ILE B 114 -8.99 -0.51 31.59
CA ILE B 114 -10.08 0.41 31.27
C ILE B 114 -10.94 -0.14 30.15
N ALA B 115 -10.30 -0.77 29.15
CA ALA B 115 -11.05 -1.36 28.05
C ALA B 115 -11.86 -2.58 28.50
N ILE B 116 -11.32 -3.34 29.45
CA ILE B 116 -12.04 -4.52 29.93
C ILE B 116 -13.32 -4.11 30.65
N LYS B 117 -13.21 -3.19 31.61
CA LYS B 117 -14.38 -2.72 32.34
C LYS B 117 -15.36 -2.00 31.43
N LEU B 118 -14.91 -1.50 30.27
CA LEU B 118 -15.81 -0.81 29.36
C LEU B 118 -16.61 -1.79 28.51
N VAL B 119 -15.96 -2.84 28.00
CA VAL B 119 -16.67 -3.82 27.19
C VAL B 119 -17.59 -4.69 28.03
N LYS B 120 -17.37 -4.73 29.35
CA LYS B 120 -18.28 -5.44 30.24
C LYS B 120 -19.44 -4.53 30.62
N SER B 121 -20.11 -3.99 29.61
CA SER B 121 -21.29 -3.14 29.82
C SER B 121 -22.51 -4.00 30.11
N GLU B 122 -23.69 -3.48 29.77
CA GLU B 122 -24.95 -4.22 30.02
C GLU B 122 -25.58 -4.61 28.69
N ARG B 123 -25.37 -5.85 28.26
CA ARG B 123 -25.88 -6.32 26.95
C ARG B 123 -27.36 -5.97 26.82
N GLN B 124 -27.75 -5.51 25.64
CA GLN B 124 -29.17 -5.11 25.43
C GLN B 124 -29.86 -6.09 24.47
N GLY B 125 -31.14 -5.85 24.17
CA GLY B 125 -31.88 -6.69 23.22
C GLY B 125 -31.45 -6.38 21.81
N LEU B 126 -30.47 -5.50 21.67
CA LEU B 126 -29.88 -5.16 20.36
C LEU B 126 -28.79 -4.16 20.69
N GLU B 127 -29.03 -2.88 20.40
CA GLU B 127 -28.04 -1.80 20.62
C GLU B 127 -26.74 -2.13 19.88
N HIS B 128 -26.31 -3.39 19.81
CA HIS B 128 -25.00 -3.80 19.23
C HIS B 128 -23.92 -3.26 20.15
N PRO B 129 -23.20 -4.14 20.86
CA PRO B 129 -22.21 -3.67 21.83
C PRO B 129 -21.46 -2.46 21.29
N LEU B 130 -21.14 -2.48 20.00
CA LEU B 130 -20.39 -1.36 19.38
C LEU B 130 -21.01 -0.03 19.79
N ASP B 131 -22.31 0.13 19.62
CA ASP B 131 -22.93 1.45 19.87
C ASP B 131 -22.75 1.85 21.34
N GLN B 132 -22.82 0.88 22.23
CA GLN B 132 -22.68 1.16 23.69
C GLN B 132 -21.22 1.45 24.01
N HIS B 133 -20.27 0.72 23.41
CA HIS B 133 -18.87 1.02 23.64
C HIS B 133 -18.56 2.46 23.26
N TYR B 134 -19.13 2.94 22.16
CA TYR B 134 -18.92 4.34 21.77
C TYR B 134 -19.58 5.29 22.75
N ARG B 135 -20.74 4.91 23.30
CA ARG B 135 -21.40 5.74 24.29
C ARG B 135 -20.63 5.75 25.61
N ASN B 136 -20.09 4.59 26.00
CA ASN B 136 -19.31 4.50 27.24
C ASN B 136 -17.95 5.17 27.10
N LEU B 137 -17.51 5.46 25.87
CA LEU B 137 -16.24 6.15 25.70
C LEU B 137 -16.31 7.60 26.16
N HIS B 138 -17.50 8.20 26.08
CA HIS B 138 -17.69 9.63 26.41
C HIS B 138 -16.74 10.49 25.60
N CYS B 139 -16.63 10.20 24.31
CA CYS B 139 -15.73 10.90 23.42
C CYS B 139 -16.34 10.92 22.02
N ALA B 140 -16.61 12.11 21.50
CA ALA B 140 -17.21 12.23 20.17
C ALA B 140 -16.18 11.92 19.09
N LEU B 141 -16.57 11.07 18.14
CA LEU B 141 -15.71 10.69 17.02
C LEU B 141 -16.50 10.92 15.74
N ARG B 142 -16.36 12.11 15.15
CA ARG B 142 -17.07 12.46 13.95
C ARG B 142 -16.16 12.31 12.74
N PRO B 143 -16.43 11.39 11.82
CA PRO B 143 -15.58 11.27 10.64
C PRO B 143 -15.71 12.47 9.72
N LEU B 144 -14.62 12.79 9.04
CA LEU B 144 -14.58 13.90 8.09
C LEU B 144 -14.33 13.36 6.69
N ASP B 145 -14.98 13.98 5.71
CA ASP B 145 -14.85 13.52 4.33
C ASP B 145 -13.43 13.72 3.81
N HIS B 146 -13.04 12.86 2.87
CA HIS B 146 -11.68 12.89 2.34
C HIS B 146 -11.39 14.11 1.50
N GLU B 147 -12.42 14.84 1.07
CA GLU B 147 -12.25 16.04 0.24
C GLU B 147 -12.55 17.31 1.04
N SER B 148 -12.36 17.27 2.35
CA SER B 148 -12.60 18.43 3.20
C SER B 148 -11.32 19.25 3.35
N TYR B 149 -11.47 20.45 3.91
CA TYR B 149 -10.32 21.33 4.09
C TYR B 149 -9.34 20.77 5.12
N GLU B 150 -9.87 20.23 6.23
CA GLU B 150 -8.99 19.71 7.27
C GLU B 150 -8.30 18.43 6.82
N PHE B 151 -9.00 17.58 6.05
CA PHE B 151 -8.40 16.33 5.61
C PHE B 151 -7.17 16.58 4.75
N LYS B 152 -7.24 17.56 3.85
CA LYS B 152 -6.10 17.87 3.00
C LYS B 152 -4.97 18.50 3.79
N VAL B 153 -5.31 19.37 4.76
CA VAL B 153 -4.29 20.01 5.57
C VAL B 153 -3.61 18.98 6.48
N ILE B 154 -4.39 18.09 7.08
CA ILE B 154 -3.81 17.07 7.96
C ILE B 154 -3.00 16.07 7.16
N SER B 155 -3.47 15.72 5.96
CA SER B 155 -2.69 14.81 5.11
C SER B 155 -1.37 15.45 4.70
N GLN B 156 -1.37 16.77 4.49
CA GLN B 156 -0.12 17.47 4.26
C GLN B 156 0.77 17.43 5.49
N TYR B 157 0.17 17.65 6.68
CA TYR B 157 0.91 17.54 7.92
C TYR B 157 1.45 16.13 8.14
N LEU B 158 0.72 15.12 7.66
CA LEU B 158 1.16 13.74 7.84
C LEU B 158 2.34 13.40 6.92
N GLN B 159 2.29 13.87 5.68
CA GLN B 159 3.31 13.50 4.70
C GLN B 159 4.52 14.43 4.71
N SER B 160 4.29 15.74 4.85
CA SER B 160 5.40 16.68 4.86
C SER B 160 6.29 16.53 6.08
N THR B 161 5.80 15.92 7.15
CA THR B 161 6.59 15.67 8.35
C THR B 161 7.06 14.23 8.44
N HIS B 162 6.87 13.43 7.39
CA HIS B 162 7.43 12.09 7.36
C HIS B 162 8.95 12.18 7.26
N ALA B 163 9.64 11.46 8.14
CA ALA B 163 11.08 11.60 8.28
C ALA B 163 11.83 10.76 7.26
N PRO B 164 13.01 11.21 6.84
CA PRO B 164 13.85 10.38 5.96
C PRO B 164 14.54 9.25 6.72
N THR B 165 14.83 9.47 7.99
CA THR B 165 15.45 8.45 8.81
C THR B 165 14.51 7.27 9.05
N HIS B 166 13.21 7.52 9.04
CA HIS B 166 12.21 6.46 9.16
C HIS B 166 11.72 6.03 7.78
N SER B 167 12.68 5.61 6.95
CA SER B 167 12.41 5.19 5.58
C SER B 167 11.99 3.73 5.49
N ASP B 168 11.47 3.14 6.56
CA ASP B 168 11.06 1.75 6.56
C ASP B 168 9.64 1.54 6.07
N TYR B 169 8.81 2.59 6.09
CA TYR B 169 7.41 2.46 5.72
C TYR B 169 6.94 3.73 5.03
N THR B 170 5.70 3.68 4.54
CA THR B 170 5.02 4.82 3.94
C THR B 170 3.60 4.85 4.47
N MET B 171 3.16 6.02 4.96
CA MET B 171 1.87 6.16 5.61
C MET B 171 0.84 6.72 4.64
N THR B 172 -0.35 6.11 4.62
CA THR B 172 -1.49 6.61 3.88
C THR B 172 -2.64 6.87 4.84
N LEU B 173 -3.53 7.79 4.46
CA LEU B 173 -4.63 8.22 5.31
C LEU B 173 -5.89 7.46 4.94
N LEU B 174 -6.32 6.56 5.82
CA LEU B 174 -7.54 5.80 5.58
C LEU B 174 -8.77 6.59 5.99
N ASP B 175 -8.86 6.96 7.27
CA ASP B 175 -10.01 7.69 7.79
C ASP B 175 -9.55 8.72 8.80
N LEU B 176 -10.17 9.90 8.77
CA LEU B 176 -9.92 10.97 9.72
C LEU B 176 -11.15 11.19 10.58
N PHE B 177 -10.94 11.49 11.86
CA PHE B 177 -12.02 11.67 12.81
C PHE B 177 -11.81 12.94 13.61
N GLU B 178 -12.92 13.59 13.96
CA GLU B 178 -12.89 14.74 14.85
C GLU B 178 -13.12 14.25 16.28
N VAL B 179 -12.17 14.54 17.17
CA VAL B 179 -12.21 14.06 18.55
C VAL B 179 -12.71 15.17 19.45
N GLU B 180 -13.69 14.86 20.28
CA GLU B 180 -14.24 15.81 21.25
C GLU B 180 -14.52 15.04 22.54
N LYS B 181 -13.56 15.06 23.46
CA LYS B 181 -13.71 14.41 24.75
C LYS B 181 -14.40 15.35 25.73
N ASP B 182 -15.30 14.79 26.54
CA ASP B 182 -16.04 15.58 27.50
C ASP B 182 -15.11 16.08 28.60
N GLY B 183 -15.07 17.41 28.77
CA GLY B 183 -14.24 18.03 29.78
C GLY B 183 -12.91 18.55 29.27
N GLU B 184 -12.45 18.07 28.12
CA GLU B 184 -11.16 18.51 27.61
C GLU B 184 -11.19 19.98 27.19
N LYS B 185 -12.30 20.41 26.59
CA LYS B 185 -12.40 21.79 26.14
C LYS B 185 -12.55 22.75 27.33
N GLU B 186 -13.29 22.35 28.35
CA GLU B 186 -13.54 23.22 29.50
C GLU B 186 -12.35 23.26 30.46
N ALA B 187 -11.44 22.30 30.39
CA ALA B 187 -10.27 22.27 31.25
C ALA B 187 -8.99 22.68 30.54
N PHE B 188 -9.06 23.04 29.26
CA PHE B 188 -7.88 23.40 28.50
C PHE B 188 -7.22 24.65 29.08
N ARG B 189 -6.00 24.91 28.62
CA ARG B 189 -5.25 26.12 28.97
C ARG B 189 -5.16 27.01 27.74
N GLU B 190 -6.30 27.59 27.38
CA GLU B 190 -6.42 28.43 26.19
C GLU B 190 -5.70 29.76 26.35
N ASP B 191 -5.43 30.19 27.58
CA ASP B 191 -4.74 31.46 27.81
C ASP B 191 -3.25 31.38 27.51
N LEU B 192 -2.66 30.20 27.58
CA LEU B 192 -1.22 30.05 27.34
C LEU B 192 -0.91 30.22 25.85
N HIS B 193 0.15 30.98 25.58
CA HIS B 193 0.59 31.21 24.21
C HIS B 193 1.34 29.99 23.69
N ASN B 194 1.79 30.07 22.44
CA ASN B 194 2.57 29.00 21.79
C ASN B 194 1.79 27.69 21.77
N ARG B 195 0.57 27.74 21.24
CA ARG B 195 -0.26 26.56 21.10
C ARG B 195 -0.03 25.94 19.73
N MET B 196 0.34 24.67 19.71
CA MET B 196 0.67 23.99 18.47
C MET B 196 -0.08 22.67 18.37
N LEU B 197 -0.26 22.19 17.14
CA LEU B 197 -0.90 20.92 16.86
C LEU B 197 0.19 19.87 16.69
N LEU B 198 0.30 18.95 17.65
CA LEU B 198 1.38 17.99 17.71
C LEU B 198 0.84 16.57 17.64
N TRP B 199 1.73 15.63 17.30
CA TRP B 199 1.38 14.24 17.13
C TRP B 199 1.55 13.46 18.44
N HIS B 200 0.85 12.32 18.50
CA HIS B 200 1.07 11.35 19.56
C HIS B 200 0.64 9.98 19.05
N GLY B 201 1.54 9.00 19.13
CA GLY B 201 1.27 7.65 18.69
C GLY B 201 1.25 6.68 19.85
N SER B 202 0.47 5.61 19.72
CA SER B 202 0.35 4.61 20.76
C SER B 202 -0.11 3.31 20.12
N ARG B 203 -0.02 2.23 20.89
CA ARG B 203 -0.43 0.93 20.41
C ARG B 203 -1.96 0.84 20.37
N MET B 204 -2.45 -0.16 19.62
CA MET B 204 -3.88 -0.28 19.39
C MET B 204 -4.65 -0.58 20.67
N SER B 205 -4.01 -1.22 21.64
CA SER B 205 -4.70 -1.61 22.87
C SER B 205 -4.89 -0.45 23.84
N ASN B 206 -4.16 0.65 23.65
CA ASN B 206 -4.20 1.78 24.57
C ASN B 206 -5.19 2.86 24.16
N TRP B 207 -5.94 2.66 23.08
CA TRP B 207 -6.75 3.74 22.53
C TRP B 207 -8.12 3.88 23.21
N VAL B 208 -8.61 2.83 23.86
CA VAL B 208 -9.85 2.98 24.61
C VAL B 208 -9.65 3.88 25.82
N GLY B 209 -8.56 3.64 26.56
CA GLY B 209 -8.25 4.50 27.70
C GLY B 209 -7.87 5.91 27.31
N ILE B 210 -7.17 6.05 26.18
CA ILE B 210 -6.78 7.38 25.72
C ILE B 210 -8.00 8.19 25.31
N LEU B 211 -8.96 7.55 24.63
CA LEU B 211 -10.15 8.26 24.20
C LEU B 211 -11.15 8.50 25.33
N SER B 212 -11.17 7.61 26.33
CA SER B 212 -12.14 7.72 27.42
C SER B 212 -11.60 8.47 28.62
N HIS B 213 -10.27 8.45 28.82
CA HIS B 213 -9.66 9.14 29.96
C HIS B 213 -8.68 10.23 29.55
N GLY B 214 -8.43 10.42 28.26
CA GLY B 214 -7.48 11.43 27.81
C GLY B 214 -6.05 11.00 28.02
N LEU B 215 -5.10 11.81 27.54
CA LEU B 215 -3.69 11.53 27.76
C LEU B 215 -3.34 11.88 29.20
N ARG B 216 -2.88 10.90 29.96
CA ARG B 216 -2.63 11.06 31.38
C ARG B 216 -1.13 10.97 31.68
N ILE B 217 -0.73 11.59 32.79
CA ILE B 217 0.66 11.49 33.24
C ILE B 217 0.86 10.22 34.05
N ALA B 218 2.12 9.84 34.25
CA ALA B 218 2.43 8.63 34.96
C ALA B 218 2.07 8.76 36.44
N PRO B 219 1.70 7.67 37.10
CA PRO B 219 1.35 7.76 38.52
C PRO B 219 2.58 8.06 39.36
N PRO B 220 2.41 8.64 40.55
CA PRO B 220 3.58 8.93 41.39
C PRO B 220 4.25 7.68 41.96
N GLU B 221 3.60 6.52 41.88
CA GLU B 221 4.24 5.28 42.30
C GLU B 221 5.27 4.78 41.29
N ALA B 222 5.22 5.27 40.06
CA ALA B 222 6.13 4.83 39.02
C ALA B 222 7.53 5.36 39.29
N PRO B 223 8.57 4.66 38.81
CA PRO B 223 9.94 5.17 38.97
C PRO B 223 10.25 6.23 37.93
N ILE B 224 10.93 7.29 38.37
CA ILE B 224 11.21 8.42 37.49
C ILE B 224 12.30 8.10 36.47
N THR B 225 13.05 7.04 36.70
CA THR B 225 14.18 6.75 35.80
C THR B 225 13.66 6.10 34.52
N GLY B 226 12.38 5.74 34.48
CA GLY B 226 11.80 5.12 33.29
C GLY B 226 11.37 6.15 32.28
N TYR B 227 11.42 7.42 32.63
CA TYR B 227 10.94 8.50 31.74
C TYR B 227 12.11 9.40 31.44
N MET B 228 12.49 9.50 30.16
CA MET B 228 13.72 10.25 29.79
C MET B 228 13.63 11.75 30.09
N PHE B 229 12.43 12.34 30.06
CA PHE B 229 12.34 13.81 30.25
C PHE B 229 11.31 14.13 31.34
N GLY B 230 10.94 13.13 32.13
CA GLY B 230 10.03 13.36 33.24
C GLY B 230 8.70 12.66 33.04
N LYS B 231 7.86 12.77 34.07
CA LYS B 231 6.54 12.15 34.08
C LYS B 231 5.55 13.14 33.50
N GLY B 232 5.44 13.14 32.17
CA GLY B 232 4.51 14.03 31.50
C GLY B 232 3.95 13.43 30.21
N ILE B 233 3.24 14.24 29.43
CA ILE B 233 2.68 13.83 28.16
C ILE B 233 3.62 14.27 27.05
N TYR B 234 4.00 13.33 26.18
CA TYR B 234 5.01 13.55 25.18
C TYR B 234 4.38 13.73 23.80
N PHE B 235 4.91 14.69 23.03
CA PHE B 235 4.41 15.00 21.70
C PHE B 235 5.59 15.20 20.76
N ALA B 236 5.29 15.22 19.46
CA ALA B 236 6.31 15.41 18.43
C ALA B 236 5.73 16.24 17.30
N ASP B 237 6.61 16.89 16.55
CA ASP B 237 6.23 17.66 15.37
C ASP B 237 6.37 16.87 14.08
N MET B 238 7.00 15.71 14.12
CA MET B 238 7.13 14.83 12.95
C MET B 238 6.21 13.63 13.14
N SER B 239 5.40 13.34 12.12
CA SER B 239 4.40 12.29 12.24
C SER B 239 5.05 10.92 12.41
N SER B 240 6.17 10.68 11.71
CA SER B 240 6.80 9.37 11.76
C SER B 240 7.41 9.08 13.14
N LYS B 241 7.91 10.11 13.82
CA LYS B 241 8.43 9.90 15.18
C LYS B 241 7.33 9.40 16.12
N SER B 242 6.12 9.96 15.99
CA SER B 242 5.00 9.47 16.78
C SER B 242 4.45 8.16 16.23
N ALA B 243 4.46 7.99 14.91
CA ALA B 243 3.99 6.75 14.32
C ALA B 243 4.85 5.55 14.69
N ASN B 244 6.10 5.79 15.12
CA ASN B 244 6.94 4.69 15.57
C ASN B 244 6.41 4.06 16.85
N TYR B 245 5.70 4.84 17.67
CA TYR B 245 5.15 4.33 18.92
C TYR B 245 3.85 3.56 18.71
N CYS B 246 3.29 3.57 17.49
CA CYS B 246 2.16 2.70 17.21
C CYS B 246 2.56 1.24 17.19
N PHE B 247 3.82 0.95 16.88
CA PHE B 247 4.35 -0.40 16.81
C PHE B 247 3.55 -1.27 15.84
N ALA B 248 3.04 -0.66 14.77
CA ALA B 248 2.33 -1.40 13.74
C ALA B 248 3.31 -2.27 12.96
N SER B 249 2.89 -3.51 12.69
CA SER B 249 3.73 -4.49 12.02
C SER B 249 3.30 -4.64 10.57
N ARG B 250 3.84 -5.66 9.91
CA ARG B 250 3.52 -5.94 8.51
C ARG B 250 2.17 -6.63 8.38
N LEU B 251 1.81 -7.49 9.35
CA LEU B 251 0.50 -8.13 9.32
C LEU B 251 -0.58 -7.21 9.88
N LYS B 252 -0.30 -6.54 11.00
CA LYS B 252 -1.20 -5.54 11.55
C LYS B 252 -0.66 -4.17 11.14
N ASN B 253 -0.91 -3.82 9.89
CA ASN B 253 -0.38 -2.59 9.29
C ASN B 253 -1.26 -1.38 9.57
N THR B 254 -2.24 -1.49 10.46
CA THR B 254 -3.14 -0.39 10.78
C THR B 254 -2.73 0.22 12.12
N GLY B 255 -2.65 1.56 12.15
CA GLY B 255 -2.30 2.27 13.37
C GLY B 255 -3.09 3.56 13.48
N LEU B 256 -3.09 4.12 14.68
CA LEU B 256 -3.84 5.33 14.98
C LEU B 256 -2.87 6.45 15.37
N LEU B 257 -3.08 7.63 14.81
CA LEU B 257 -2.29 8.81 15.12
C LEU B 257 -3.22 9.89 15.67
N LEU B 258 -2.88 10.43 16.84
CA LEU B 258 -3.70 11.42 17.52
C LEU B 258 -3.09 12.80 17.34
N LEU B 259 -3.92 13.77 16.99
CA LEU B 259 -3.50 15.16 16.83
C LEU B 259 -4.21 15.99 17.90
N SER B 260 -3.44 16.70 18.70
CA SER B 260 -3.98 17.47 19.82
C SER B 260 -3.39 18.87 19.84
N GLU B 261 -4.14 19.81 20.41
CA GLU B 261 -3.65 21.16 20.64
C GLU B 261 -2.93 21.20 21.97
N VAL B 262 -1.64 21.54 21.94
CA VAL B 262 -0.82 21.56 23.15
C VAL B 262 -0.40 22.99 23.42
N ALA B 263 -0.83 23.52 24.57
CA ALA B 263 -0.44 24.86 25.01
C ALA B 263 0.93 24.75 25.69
N LEU B 264 1.98 24.92 24.89
CA LEU B 264 3.35 24.80 25.40
C LEU B 264 3.76 25.99 26.24
N GLY B 265 3.30 27.20 25.88
CA GLY B 265 3.70 28.38 26.61
C GLY B 265 5.20 28.65 26.46
N GLN B 266 5.84 29.01 27.56
CA GLN B 266 7.28 29.22 27.58
C GLN B 266 7.99 27.87 27.66
N CYS B 267 8.82 27.57 26.67
CA CYS B 267 9.48 26.29 26.59
C CYS B 267 10.83 26.31 27.30
N ASN B 268 11.15 25.19 27.96
CA ASN B 268 12.46 24.99 28.57
C ASN B 268 13.26 24.10 27.60
N GLU B 269 13.96 24.76 26.67
CA GLU B 269 14.66 24.06 25.60
C GLU B 269 15.83 23.28 26.17
N LEU B 270 15.76 21.95 26.08
CA LEU B 270 16.81 21.07 26.57
C LEU B 270 17.49 20.36 25.41
N LEU B 271 18.78 20.09 25.57
CA LEU B 271 19.56 19.40 24.56
C LEU B 271 19.98 17.99 24.96
N GLU B 272 19.79 17.61 26.22
CA GLU B 272 20.15 16.28 26.69
C GLU B 272 19.02 15.73 27.56
N ALA B 273 19.01 14.41 27.70
CA ALA B 273 17.96 13.75 28.47
C ALA B 273 18.13 14.00 29.96
N ASN B 274 17.00 14.07 30.66
CA ASN B 274 16.98 14.28 32.11
C ASN B 274 15.62 13.91 32.66
N PRO B 275 15.51 12.85 33.47
CA PRO B 275 14.21 12.48 34.04
C PRO B 275 13.66 13.52 35.01
N LYS B 276 14.47 14.45 35.47
CA LYS B 276 14.03 15.52 36.37
C LYS B 276 13.94 16.86 35.64
N ALA B 277 13.42 16.83 34.42
CA ALA B 277 13.32 18.07 33.64
C ALA B 277 12.25 19.00 34.18
N GLU B 278 11.22 18.45 34.84
CA GLU B 278 10.17 19.29 35.40
C GLU B 278 10.69 20.15 36.54
N GLY B 279 11.72 19.70 37.24
CA GLY B 279 12.32 20.50 38.30
C GLY B 279 13.10 21.70 37.78
N LEU B 280 13.56 21.64 36.54
CA LEU B 280 14.29 22.74 35.93
C LEU B 280 13.38 23.73 35.21
N LEU B 281 12.07 23.65 35.43
CA LEU B 281 11.14 24.53 34.72
C LEU B 281 11.38 25.98 35.11
N GLN B 282 11.23 26.31 36.39
CA GLN B 282 11.40 27.66 36.92
C GLN B 282 10.51 28.64 36.14
N GLY B 283 9.20 28.55 36.46
CA GLY B 283 8.20 29.37 35.82
C GLY B 283 7.81 28.96 34.42
N LYS B 284 8.61 28.12 33.75
CA LYS B 284 8.27 27.69 32.39
C LYS B 284 7.06 26.77 32.42
N HIS B 285 6.51 26.52 31.23
CA HIS B 285 5.28 25.75 31.09
C HIS B 285 5.46 24.42 30.38
N SER B 286 6.62 24.18 29.75
CA SER B 286 6.83 22.93 29.03
C SER B 286 8.32 22.71 28.86
N THR B 287 8.67 21.44 28.64
CA THR B 287 10.04 21.03 28.36
C THR B 287 10.14 20.60 26.91
N LYS B 288 11.10 21.15 26.18
CA LYS B 288 11.28 20.86 24.76
C LYS B 288 12.63 20.20 24.53
N GLY B 289 12.62 18.99 24.00
CA GLY B 289 13.85 18.33 23.60
C GLY B 289 14.23 18.72 22.18
N LEU B 290 15.51 18.99 21.98
CA LEU B 290 16.00 19.51 20.71
C LEU B 290 16.59 18.39 19.86
N GLY B 291 16.16 18.33 18.60
CA GLY B 291 16.66 17.36 17.65
C GLY B 291 17.43 18.01 16.52
N LYS B 292 17.81 17.17 15.55
CA LYS B 292 18.60 17.65 14.42
C LYS B 292 17.72 18.24 13.32
N MET B 293 16.69 17.51 12.91
CA MET B 293 15.72 17.99 11.95
C MET B 293 14.47 18.49 12.66
N ALA B 294 13.81 19.47 12.03
CA ALA B 294 12.60 20.06 12.58
C ALA B 294 11.91 20.85 11.48
N PRO B 295 10.59 20.94 11.50
CA PRO B 295 9.90 21.76 10.50
C PRO B 295 10.31 23.22 10.61
N SER B 296 10.43 23.87 9.45
CA SER B 296 10.85 25.27 9.41
C SER B 296 9.69 26.19 9.72
N SER B 297 9.97 27.25 10.50
CA SER B 297 8.94 28.20 10.90
C SER B 297 8.39 29.00 9.72
N ALA B 298 9.07 28.98 8.56
CA ALA B 298 8.57 29.73 7.41
C ALA B 298 7.35 29.07 6.78
N HIS B 299 7.23 27.74 6.91
CA HIS B 299 6.12 27.00 6.33
C HIS B 299 4.99 26.76 7.34
N PHE B 300 5.00 27.47 8.46
CA PHE B 300 3.97 27.27 9.48
C PHE B 300 2.62 27.79 8.99
N VAL B 301 1.55 27.27 9.59
CA VAL B 301 0.19 27.63 9.25
C VAL B 301 -0.67 27.50 10.51
N THR B 302 -1.88 28.04 10.46
CA THR B 302 -2.80 28.03 11.58
C THR B 302 -4.06 27.28 11.18
N LEU B 303 -4.49 26.34 12.03
CA LEU B 303 -5.72 25.57 11.83
C LEU B 303 -6.61 25.76 13.04
N ASN B 304 -7.49 26.77 12.97
CA ASN B 304 -8.47 27.06 14.01
C ASN B 304 -7.80 27.33 15.35
N GLY B 305 -6.89 28.31 15.34
CA GLY B 305 -6.22 28.73 16.55
C GLY B 305 -5.20 27.73 17.05
N SER B 306 -4.33 27.26 16.17
CA SER B 306 -3.28 26.31 16.55
C SER B 306 -2.24 26.27 15.44
N THR B 307 -0.98 26.44 15.81
CA THR B 307 0.11 26.43 14.84
C THR B 307 0.39 25.00 14.40
N VAL B 308 0.34 24.75 13.09
CA VAL B 308 0.61 23.43 12.52
C VAL B 308 2.02 23.46 11.94
N PRO B 309 3.01 22.83 12.57
CA PRO B 309 4.37 22.85 12.01
C PRO B 309 4.50 22.02 10.74
N LEU B 310 4.22 22.64 9.60
CA LEU B 310 4.28 21.95 8.32
C LEU B 310 5.71 21.80 7.84
N GLY B 311 5.91 20.86 6.92
CA GLY B 311 7.22 20.65 6.33
C GLY B 311 7.50 21.63 5.20
N PRO B 312 8.63 21.43 4.53
CA PRO B 312 9.64 20.38 4.75
C PRO B 312 10.55 20.69 5.92
N ALA B 313 11.14 19.66 6.55
CA ALA B 313 12.00 19.85 7.71
C ALA B 313 13.44 20.10 7.25
N SER B 314 14.07 21.11 7.86
CA SER B 314 15.46 21.43 7.57
C SER B 314 16.37 20.75 8.60
N ASP B 315 17.50 20.22 8.12
CA ASP B 315 18.42 19.48 8.97
C ASP B 315 19.47 20.42 9.57
N THR B 316 19.01 21.21 10.54
CA THR B 316 19.92 22.02 11.35
C THR B 316 20.62 21.11 12.36
N GLY B 317 21.28 20.06 11.87
CA GLY B 317 21.89 19.08 12.74
C GLY B 317 22.78 18.08 12.03
N ILE B 318 22.19 16.98 11.55
CA ILE B 318 22.91 15.85 10.94
C ILE B 318 24.03 16.32 10.03
N LEU B 319 23.67 17.03 8.96
CA LEU B 319 24.63 17.32 7.90
C LEU B 319 25.71 18.30 8.35
N ASN B 320 25.40 19.18 9.31
CA ASN B 320 26.43 20.15 9.68
C ASN B 320 26.56 20.29 11.21
N PRO B 321 25.66 21.00 11.93
CA PRO B 321 26.04 21.27 13.33
C PRO B 321 25.69 20.11 14.27
N ASP B 322 26.37 18.99 14.08
CA ASP B 322 26.11 17.81 14.90
C ASP B 322 26.42 18.09 16.36
N GLY B 323 25.45 17.82 17.22
CA GLY B 323 25.57 18.09 18.64
C GLY B 323 24.26 17.89 19.37
N TYR B 324 23.48 16.91 18.91
CA TYR B 324 22.20 16.59 19.50
C TYR B 324 22.15 15.09 19.77
N THR B 325 21.69 14.71 20.97
CA THR B 325 21.46 13.30 21.25
C THR B 325 20.15 12.83 20.65
N LEU B 326 19.18 13.73 20.50
CA LEU B 326 17.90 13.40 19.87
C LEU B 326 17.95 13.76 18.39
N ASN B 327 17.31 12.93 17.56
CA ASN B 327 17.26 13.21 16.14
C ASN B 327 16.16 14.21 15.81
N TYR B 328 15.03 14.13 16.52
CA TYR B 328 13.88 14.98 16.24
C TYR B 328 13.39 15.64 17.52
N ASN B 329 12.62 16.70 17.35
CA ASN B 329 12.15 17.48 18.48
C ASN B 329 11.19 16.66 19.35
N GLU B 330 11.11 17.05 20.62
CA GLU B 330 10.23 16.40 21.59
C GLU B 330 9.60 17.46 22.47
N TYR B 331 8.28 17.37 22.65
CA TYR B 331 7.53 18.32 23.47
C TYR B 331 6.90 17.56 24.64
N ILE B 332 7.14 18.06 25.85
CA ILE B 332 6.68 17.40 27.07
C ILE B 332 5.90 18.42 27.90
N VAL B 333 4.65 18.10 28.20
CA VAL B 333 3.84 18.88 29.14
C VAL B 333 3.54 17.99 30.34
N TYR B 334 3.42 18.62 31.51
CA TYR B 334 3.26 17.89 32.77
C TYR B 334 1.89 18.11 33.40
N ASN B 335 0.89 18.48 32.60
CA ASN B 335 -0.46 18.68 33.10
C ASN B 335 -1.43 18.42 31.95
N PRO B 336 -2.44 17.57 32.15
CA PRO B 336 -3.38 17.31 31.05
C PRO B 336 -4.19 18.53 30.62
N ASN B 337 -4.25 19.58 31.45
CA ASN B 337 -4.99 20.77 31.07
C ASN B 337 -4.34 21.55 29.94
N GLN B 338 -3.12 21.19 29.54
CA GLN B 338 -2.46 21.79 28.40
C GLN B 338 -2.63 20.97 27.12
N VAL B 339 -3.52 19.98 27.14
CA VAL B 339 -3.71 19.07 26.01
C VAL B 339 -5.19 19.00 25.69
N ARG B 340 -5.53 19.13 24.41
CA ARG B 340 -6.91 19.00 23.94
C ARG B 340 -6.87 18.25 22.61
N MET B 341 -7.35 17.01 22.61
CA MET B 341 -7.38 16.21 21.40
C MET B 341 -8.35 16.82 20.39
N ARG B 342 -8.01 16.68 19.11
CA ARG B 342 -8.79 17.31 18.05
C ARG B 342 -9.02 16.38 16.87
N TYR B 343 -8.01 15.59 16.49
CA TYR B 343 -8.12 14.73 15.33
C TYR B 343 -7.52 13.36 15.64
N LEU B 344 -8.08 12.34 15.00
CA LEU B 344 -7.62 10.97 15.15
C LEU B 344 -7.42 10.36 13.78
N LEU B 345 -6.19 10.03 13.44
CA LEU B 345 -5.83 9.54 12.11
C LEU B 345 -5.74 8.02 12.13
N LYS B 346 -6.46 7.37 11.22
CA LYS B 346 -6.34 5.94 10.98
C LYS B 346 -5.47 5.75 9.75
N VAL B 347 -4.24 5.29 9.95
CA VAL B 347 -3.25 5.18 8.89
C VAL B 347 -2.93 3.72 8.61
N GLN B 348 -2.70 3.41 7.34
CA GLN B 348 -2.22 2.10 6.93
C GLN B 348 -0.74 2.21 6.59
N PHE B 349 0.07 1.36 7.22
CA PHE B 349 1.52 1.44 7.09
C PHE B 349 1.96 0.61 5.88
N ASN B 350 2.28 1.30 4.79
CA ASN B 350 2.82 0.65 3.59
C ASN B 350 4.32 0.48 3.78
N PHE B 351 4.73 -0.70 4.25
CA PHE B 351 6.12 -0.97 4.56
C PHE B 351 6.90 -1.19 3.28
N LEU B 352 7.84 -0.29 2.98
CA LEU B 352 8.80 -0.53 1.92
C LEU B 352 9.72 -1.71 2.24
N GLN B 353 9.75 -2.14 3.49
CA GLN B 353 10.51 -3.32 3.91
C GLN B 353 10.02 -4.57 3.19
#